data_4EQX
#
_entry.id   4EQX
#
_cell.length_a   75.960
_cell.length_b   65.380
_cell.length_c   94.470
_cell.angle_alpha   90.000
_cell.angle_beta   104.830
_cell.angle_gamma   90.000
#
_symmetry.space_group_name_H-M   'P 1 21 1'
#
loop_
_entity.id
_entity.type
_entity.pdbx_description
1 polymer 'Coenzyme A disulfide reductase'
2 non-polymer 'FLAVIN-ADENINE DINUCLEOTIDE'
3 non-polymer 'MAGNESIUM ION'
4 non-polymer 'CHLORIDE ION'
5 water water
#
_entity_poly.entity_id   1
_entity_poly.type   'polypeptide(L)'
_entity_poly.pdbx_seq_one_letter_code
;PKIVVVGAVAGGATCASQIRRLDKESDIIIFEKDRDMSFANSALPYVIGEVVEDRRYALAYTPEKFYDRKQITVKTYHEV
IAINDERQTVSVLNRKTNEQFEESYDKLILSPGASANSLGFESDITFTLRNLEDTDAIDQFIKANQVDKVLVVGAGYVSL
EVLENLYERGLHPTLIHRSDKINKLMDADMNQPILDELDKREIPYRLNEEINAINGNEITFKSGKVEHYDMIIEGVGTHP
NSKFIESSNIKLDRKGFIPVNDKFETNVPNIYAIGDIATSHYRHVDLPASVPLAWGAHRAASIVAEQIAGNDTIEFKGFL
GNNIVKFFDYTFASVGVKPNELKQFDYKMVEVTQGAHANYYPGNSPLHLRVYYDTSNRQILRAAAVGKEGADKRIDVLSM
AMMNQLTVDELTEFEVAYAPPYSHPKDLINMIGYKAK
;
_entity_poly.pdbx_strand_id   A,B
#
loop_
_chem_comp.id
_chem_comp.type
_chem_comp.name
_chem_comp.formula
CL non-polymer 'CHLORIDE ION' 'Cl -1'
FAD non-polymer 'FLAVIN-ADENINE DINUCLEOTIDE' 'C27 H33 N9 O15 P2'
MG non-polymer 'MAGNESIUM ION' 'Mg 2'
#
# COMPACT_ATOMS: atom_id res chain seq x y z
N PRO A 1 32.11 24.44 -5.55
CA PRO A 1 31.94 25.07 -6.92
C PRO A 1 30.82 26.11 -6.67
N LYS A 2 30.87 27.26 -7.35
CA LYS A 2 29.79 28.24 -7.25
C LYS A 2 28.61 27.65 -8.09
N ILE A 3 27.46 27.56 -7.49
CA ILE A 3 26.25 26.88 -8.00
CA ILE A 3 26.30 26.94 -8.14
C ILE A 3 25.18 27.97 -8.28
N VAL A 4 24.57 27.97 -9.45
CA VAL A 4 23.45 28.80 -9.80
C VAL A 4 22.30 27.85 -10.13
N VAL A 5 21.16 28.05 -9.51
CA VAL A 5 19.98 27.23 -9.77
C VAL A 5 18.95 28.17 -10.35
N VAL A 6 18.30 27.74 -11.43
CA VAL A 6 17.13 28.49 -12.01
C VAL A 6 15.82 27.86 -11.64
N GLY A 7 14.98 28.54 -10.85
CA GLY A 7 13.70 28.04 -10.36
C GLY A 7 13.86 27.66 -8.88
N ALA A 8 12.99 28.11 -8.00
CA ALA A 8 13.14 27.85 -6.61
C ALA A 8 12.09 27.03 -5.97
N VAL A 9 11.60 26.01 -6.69
CA VAL A 9 10.47 25.23 -6.15
C VAL A 9 10.75 23.74 -6.13
N ALA A 10 9.96 22.89 -6.77
CA ALA A 10 10.06 21.45 -6.44
C ALA A 10 11.39 20.85 -6.80
N GLY A 11 11.95 21.21 -7.97
CA GLY A 11 13.33 20.69 -8.33
C GLY A 11 14.41 21.59 -7.72
N GLY A 12 14.23 22.91 -7.85
CA GLY A 12 15.41 23.81 -7.69
C GLY A 12 15.66 24.01 -6.19
N ALA A 13 14.66 24.38 -5.37
CA ALA A 13 14.96 24.53 -3.95
C ALA A 13 15.42 23.24 -3.33
N THR A 14 14.82 22.11 -3.75
CA THR A 14 15.20 20.77 -3.23
C THR A 14 16.67 20.46 -3.60
N CYS A 15 17.05 20.70 -4.84
CA CYS A 15 18.43 20.43 -5.27
C CYS A 15 19.39 21.28 -4.45
N ALA A 16 19.12 22.58 -4.33
CA ALA A 16 20.01 23.45 -3.59
C ALA A 16 20.20 22.97 -2.13
N SER A 17 19.07 22.70 -1.49
CA SER A 17 19.10 22.13 -0.13
C SER A 17 19.95 20.84 -0.04
N GLN A 18 19.76 19.92 -0.98
CA GLN A 18 20.52 18.65 -1.02
C GLN A 18 22.05 18.85 -1.19
N ILE A 19 22.44 19.83 -2.01
CA ILE A 19 23.86 20.16 -2.20
C ILE A 19 24.47 20.72 -0.91
N ARG A 20 23.75 21.64 -0.25
CA ARG A 20 24.17 22.23 1.01
C ARG A 20 24.33 21.14 2.09
N ARG A 21 23.46 20.13 2.09
CA ARG A 21 23.67 19.02 3.06
C ARG A 21 25.05 18.32 2.94
N LEU A 22 25.57 18.23 1.70
CA LEU A 22 26.79 17.58 1.35
C LEU A 22 27.97 18.51 1.41
N ASP A 23 27.72 19.82 1.32
CA ASP A 23 28.83 20.74 1.02
C ASP A 23 28.48 22.08 1.63
N LYS A 24 29.25 22.41 2.67
CA LYS A 24 28.96 23.59 3.46
C LYS A 24 29.80 24.78 2.97
N GLU A 25 30.70 24.58 2.01
CA GLU A 25 31.61 25.66 1.61
C GLU A 25 31.16 26.39 0.36
N SER A 26 30.64 25.65 -0.62
CA SER A 26 30.19 26.27 -1.87
C SER A 26 29.13 27.38 -1.80
N ASP A 27 29.31 28.40 -2.61
CA ASP A 27 28.26 29.46 -2.71
C ASP A 27 27.13 28.94 -3.59
N ILE A 28 25.90 29.09 -3.15
CA ILE A 28 24.76 28.59 -3.92
C ILE A 28 23.75 29.76 -4.04
N ILE A 29 23.40 30.11 -5.26
CA ILE A 29 22.32 31.09 -5.45
C ILE A 29 21.20 30.56 -6.32
N ILE A 30 19.96 30.87 -5.95
CA ILE A 30 18.81 30.48 -6.81
C ILE A 30 18.12 31.74 -7.29
N PHE A 31 17.82 31.76 -8.57
CA PHE A 31 16.97 32.79 -9.12
C PHE A 31 15.53 32.29 -9.33
N GLU A 32 14.57 33.11 -8.88
CA GLU A 32 13.11 32.78 -9.08
C GLU A 32 12.40 33.98 -9.65
N LYS A 33 11.72 33.79 -10.74
CA LYS A 33 11.19 34.93 -11.48
C LYS A 33 9.92 35.47 -10.78
N ASP A 34 9.22 34.63 -10.00
CA ASP A 34 7.94 35.11 -9.39
C ASP A 34 8.22 35.44 -7.91
N ARG A 35 7.17 35.69 -7.14
CA ARG A 35 7.29 36.12 -5.77
C ARG A 35 7.74 35.10 -4.74
N ASP A 36 7.35 33.83 -4.94
CA ASP A 36 7.46 32.86 -3.85
C ASP A 36 8.38 31.71 -4.25
N MET A 37 9.21 31.31 -3.27
CA MET A 37 9.92 30.03 -3.39
C MET A 37 9.20 28.95 -2.61
N SER A 38 9.51 27.70 -2.94
CA SER A 38 9.15 26.56 -2.07
C SER A 38 7.67 26.55 -1.72
N PHE A 39 6.77 26.97 -2.63
CA PHE A 39 5.35 26.70 -2.44
C PHE A 39 5.03 25.24 -2.80
N ALA A 40 3.97 24.73 -2.16
CA ALA A 40 3.56 23.38 -2.34
C ALA A 40 2.63 23.35 -3.57
N ASN A 41 3.21 23.13 -4.75
CA ASN A 41 2.46 23.14 -6.01
C ASN A 41 1.21 22.25 -5.90
N SER A 42 1.42 21.05 -5.32
CA SER A 42 0.33 20.08 -5.23
CA SER A 42 0.34 20.06 -5.20
C SER A 42 -0.74 20.47 -4.21
N ALA A 43 -0.43 21.45 -3.32
CA ALA A 43 -1.44 21.87 -2.37
C ALA A 43 -2.37 22.89 -2.96
N LEU A 44 -2.00 23.51 -4.07
CA LEU A 44 -2.78 24.67 -4.55
C LEU A 44 -4.32 24.42 -4.78
N PRO A 45 -4.72 23.26 -5.36
CA PRO A 45 -6.16 23.11 -5.49
C PRO A 45 -6.86 23.11 -4.13
N TYR A 46 -6.25 22.48 -3.13
CA TYR A 46 -6.79 22.37 -1.75
C TYR A 46 -6.80 23.69 -1.05
N VAL A 47 -5.87 24.58 -1.43
CA VAL A 47 -5.93 25.95 -0.89
C VAL A 47 -7.15 26.67 -1.48
N ILE A 48 -7.38 26.51 -2.79
CA ILE A 48 -8.65 27.07 -3.37
C ILE A 48 -9.91 26.52 -2.69
N GLY A 49 -9.89 25.21 -2.29
CA GLY A 49 -11.10 24.58 -1.68
C GLY A 49 -11.23 24.90 -0.21
N GLU A 50 -10.25 25.68 0.27
CA GLU A 50 -10.15 25.95 1.70
C GLU A 50 -10.08 24.68 2.55
N VAL A 51 -9.60 23.57 2.01
CA VAL A 51 -9.36 22.28 2.68
C VAL A 51 -7.99 22.38 3.38
N VAL A 52 -7.05 23.07 2.74
CA VAL A 52 -5.88 23.60 3.43
C VAL A 52 -6.30 25.04 3.78
N GLU A 53 -6.56 25.31 5.07
CA GLU A 53 -7.03 26.65 5.53
C GLU A 53 -5.89 27.65 5.70
N ASP A 54 -4.84 27.18 6.35
CA ASP A 54 -3.72 28.04 6.77
C ASP A 54 -2.72 28.14 5.56
N ARG A 55 -2.98 29.15 4.69
CA ARG A 55 -2.28 29.40 3.37
C ARG A 55 -0.73 29.45 3.47
N ARG A 56 -0.21 29.57 4.69
CA ARG A 56 1.18 29.38 4.98
C ARG A 56 1.58 27.91 4.97
N TYR A 57 0.61 27.00 5.11
CA TYR A 57 0.83 25.55 4.89
C TYR A 57 1.38 25.22 3.50
N ALA A 58 1.05 26.06 2.52
CA ALA A 58 1.46 25.89 1.13
C ALA A 58 2.72 26.70 0.79
N LEU A 59 3.40 27.24 1.81
CA LEU A 59 4.62 28.02 1.58
C LEU A 59 5.59 27.62 2.64
N ALA A 60 6.60 26.85 2.28
CA ALA A 60 7.54 26.25 3.24
C ALA A 60 8.51 27.33 3.72
N TYR A 61 8.96 28.18 2.80
CA TYR A 61 10.12 29.08 3.04
C TYR A 61 9.94 30.41 2.41
N THR A 62 10.54 31.43 3.05
CA THR A 62 10.96 32.68 2.43
C THR A 62 12.48 32.61 2.17
N PRO A 63 12.96 33.47 1.27
CA PRO A 63 14.39 33.64 1.02
C PRO A 63 15.21 33.87 2.38
N GLU A 64 14.69 34.74 3.26
CA GLU A 64 15.36 35.11 4.49
C GLU A 64 15.50 33.87 5.36
N LYS A 65 14.45 33.05 5.38
CA LYS A 65 14.50 31.78 6.12
C LYS A 65 15.53 30.77 5.56
N PHE A 66 15.70 30.73 4.24
CA PHE A 66 16.60 29.82 3.61
C PHE A 66 18.00 30.25 3.82
N TYR A 67 18.24 31.56 3.92
CA TYR A 67 19.59 31.99 4.13
C TYR A 67 20.02 31.72 5.62
N ASP A 68 19.14 32.10 6.54
CA ASP A 68 19.25 31.84 8.01
C ASP A 68 19.57 30.34 8.31
N ARG A 69 18.76 29.46 7.70
CA ARG A 69 18.87 28.02 7.94
C ARG A 69 19.95 27.31 7.10
N LYS A 70 20.12 27.65 5.82
CA LYS A 70 20.95 26.86 4.90
C LYS A 70 22.06 27.66 4.18
N GLN A 71 22.13 28.98 4.45
CA GLN A 71 23.13 29.84 3.88
C GLN A 71 23.10 29.70 2.35
N ILE A 72 21.86 29.66 1.88
CA ILE A 72 21.62 29.72 0.42
C ILE A 72 20.93 30.99 0.07
N THR A 73 21.45 31.69 -0.92
CA THR A 73 20.83 32.94 -1.36
C THR A 73 19.72 32.71 -2.40
N VAL A 74 18.48 33.19 -2.16
CA VAL A 74 17.42 33.09 -3.10
C VAL A 74 16.93 34.50 -3.44
N LYS A 75 16.99 34.82 -4.74
CA LYS A 75 16.53 36.06 -5.28
C LYS A 75 15.25 35.86 -6.02
N THR A 76 14.15 36.28 -5.37
CA THR A 76 12.81 36.32 -6.04
C THR A 76 12.59 37.49 -6.91
N TYR A 77 11.52 37.44 -7.74
CA TYR A 77 11.33 38.41 -8.78
C TYR A 77 12.60 38.67 -9.58
N HIS A 78 13.40 37.61 -9.82
CA HIS A 78 14.67 37.69 -10.66
C HIS A 78 14.53 36.60 -11.74
N GLU A 79 14.42 37.05 -12.97
CA GLU A 79 14.15 36.14 -14.08
C GLU A 79 15.42 35.97 -14.89
N VAL A 80 15.87 34.72 -15.03
CA VAL A 80 16.99 34.44 -15.87
C VAL A 80 16.53 34.55 -17.31
N ILE A 81 17.15 35.46 -18.06
CA ILE A 81 16.66 35.71 -19.42
C ILE A 81 17.52 35.14 -20.60
N ALA A 82 18.76 34.72 -20.26
CA ALA A 82 19.67 34.08 -21.23
C ALA A 82 20.70 33.28 -20.48
N ILE A 83 21.17 32.23 -21.14
CA ILE A 83 22.32 31.46 -20.61
C ILE A 83 23.50 31.72 -21.57
N ASN A 84 24.61 32.27 -21.00
CA ASN A 84 25.74 32.62 -21.82
C ASN A 84 26.76 31.45 -21.55
N ASP A 85 26.52 30.27 -22.13
CA ASP A 85 27.03 29.06 -21.52
C ASP A 85 28.57 28.98 -21.77
N GLU A 86 29.02 29.60 -22.83
CA GLU A 86 30.50 29.58 -23.11
C GLU A 86 31.26 30.37 -22.12
N ARG A 87 30.70 31.48 -21.65
CA ARG A 87 31.37 32.24 -20.57
C ARG A 87 31.00 31.79 -19.13
N GLN A 88 30.15 30.79 -19.04
CA GLN A 88 29.62 30.35 -17.79
C GLN A 88 29.01 31.47 -16.93
N THR A 89 28.08 32.20 -17.54
CA THR A 89 27.27 33.08 -16.77
C THR A 89 25.85 32.98 -17.20
N VAL A 90 24.96 33.44 -16.33
CA VAL A 90 23.57 33.69 -16.77
C VAL A 90 23.25 35.18 -16.71
N SER A 91 22.36 35.60 -17.62
CA SER A 91 21.88 37.03 -17.60
C SER A 91 20.52 37.00 -16.86
N VAL A 92 20.33 37.94 -15.95
CA VAL A 92 19.27 37.88 -14.94
C VAL A 92 18.59 39.27 -14.97
N LEU A 93 17.25 39.28 -15.18
CA LEU A 93 16.53 40.56 -15.09
C LEU A 93 15.93 40.69 -13.70
N ASN A 94 16.33 41.74 -13.00
CA ASN A 94 15.73 42.14 -11.75
C ASN A 94 14.41 42.77 -12.11
N ARG A 95 13.30 42.07 -11.85
CA ARG A 95 11.97 42.49 -12.37
C ARG A 95 11.35 43.71 -11.61
N LYS A 96 11.90 44.05 -10.48
CA LYS A 96 11.45 45.21 -9.69
C LYS A 96 12.09 46.47 -10.27
N THR A 97 13.32 46.36 -10.76
CA THR A 97 14.05 47.53 -11.31
C THR A 97 14.13 47.58 -12.81
N ASN A 98 13.97 46.42 -13.42
CA ASN A 98 14.09 46.30 -14.87
C ASN A 98 15.53 46.50 -15.35
N GLU A 99 16.48 46.29 -14.43
CA GLU A 99 17.89 46.22 -14.72
C GLU A 99 18.36 44.75 -14.77
N GLN A 100 19.29 44.45 -15.68
CA GLN A 100 19.80 43.11 -15.79
C GLN A 100 21.31 43.07 -15.46
N PHE A 101 21.79 41.86 -15.13
CA PHE A 101 23.18 41.71 -14.75
C PHE A 101 23.53 40.21 -15.00
N GLU A 102 24.81 39.92 -15.03
CA GLU A 102 25.27 38.54 -15.17
C GLU A 102 25.69 37.93 -13.85
N GLU A 103 25.38 36.64 -13.70
CA GLU A 103 25.74 35.87 -12.51
C GLU A 103 26.61 34.73 -13.03
N SER A 104 27.81 34.61 -12.49
CA SER A 104 28.77 33.58 -12.98
C SER A 104 28.45 32.27 -12.24
N TYR A 105 28.86 31.16 -12.88
CA TYR A 105 28.73 29.84 -12.23
C TYR A 105 29.87 28.88 -12.61
N ASP A 106 30.06 27.88 -11.73
CA ASP A 106 30.90 26.72 -12.04
C ASP A 106 29.97 25.56 -12.45
N LYS A 107 28.77 25.53 -11.86
CA LYS A 107 27.71 24.56 -12.20
C LYS A 107 26.37 25.25 -12.27
N LEU A 108 25.57 24.97 -13.34
CA LEU A 108 24.25 25.58 -13.47
C LEU A 108 23.21 24.47 -13.42
N ILE A 109 22.16 24.68 -12.61
CA ILE A 109 21.08 23.62 -12.55
C ILE A 109 19.79 24.27 -12.99
N LEU A 110 19.17 23.72 -14.04
CA LEU A 110 17.95 24.36 -14.58
C LEU A 110 16.75 23.55 -14.14
N SER A 111 15.94 24.13 -13.25
CA SER A 111 14.69 23.51 -12.87
C SER A 111 13.48 24.52 -13.07
N PRO A 112 13.33 25.06 -14.28
CA PRO A 112 12.36 26.16 -14.52
C PRO A 112 10.96 25.65 -14.73
N GLY A 113 10.81 24.31 -14.76
CA GLY A 113 9.41 23.75 -14.90
C GLY A 113 8.63 24.17 -16.11
N ALA A 114 7.31 24.22 -15.89
CA ALA A 114 6.33 24.45 -16.98
C ALA A 114 5.35 25.55 -16.56
N SER A 115 4.83 26.22 -17.56
CA SER A 115 3.84 27.27 -17.33
C SER A 115 2.47 26.79 -17.85
N ALA A 116 1.37 27.28 -17.23
CA ALA A 116 0.05 26.96 -17.81
C ALA A 116 -0.15 27.52 -19.19
N ASN A 117 -0.76 26.72 -20.08
CA ASN A 117 -1.30 27.22 -21.39
C ASN A 117 -2.57 28.08 -21.11
N SER A 118 -2.88 28.98 -22.04
CA SER A 118 -4.10 29.77 -21.98
C SER A 118 -4.84 29.55 -23.28
N LEU A 119 -6.17 29.64 -23.27
CA LEU A 119 -6.86 29.64 -24.54
C LEU A 119 -6.70 30.97 -25.29
N GLY A 120 -6.22 32.00 -24.62
CA GLY A 120 -5.94 33.28 -25.24
C GLY A 120 -7.11 34.24 -25.40
N PHE A 121 -8.23 33.97 -24.73
CA PHE A 121 -9.35 34.97 -24.82
C PHE A 121 -9.08 36.25 -24.08
N GLU A 122 -9.69 37.33 -24.53
CA GLU A 122 -9.56 38.60 -23.82
C GLU A 122 -10.65 38.63 -22.71
N SER A 123 -10.31 38.19 -21.51
CA SER A 123 -11.37 38.04 -20.52
C SER A 123 -10.83 38.27 -19.15
N ASP A 124 -11.49 39.09 -18.37
CA ASP A 124 -11.01 39.31 -17.00
C ASP A 124 -11.44 38.23 -16.00
N ILE A 125 -12.27 37.26 -16.46
CA ILE A 125 -12.90 36.30 -15.48
C ILE A 125 -12.20 34.90 -15.61
N THR A 126 -11.22 34.85 -16.50
CA THR A 126 -10.46 33.58 -16.74
C THR A 126 -9.10 33.51 -15.99
N PHE A 127 -8.82 32.34 -15.41
CA PHE A 127 -7.66 32.16 -14.56
C PHE A 127 -7.00 30.85 -14.93
N THR A 128 -5.67 30.81 -14.75
CA THR A 128 -4.97 29.55 -14.73
C THR A 128 -4.33 29.34 -13.34
N LEU A 129 -3.84 28.12 -13.08
CA LEU A 129 -3.31 27.77 -11.78
C LEU A 129 -1.93 27.10 -11.94
N ARG A 130 -0.87 27.77 -11.46
CA ARG A 130 0.44 27.13 -11.46
C ARG A 130 1.23 27.49 -10.21
N ASN A 131 1.03 28.71 -9.63
CA ASN A 131 1.71 29.06 -8.42
C ASN A 131 0.82 29.70 -7.38
N LEU A 132 1.45 30.14 -6.30
CA LEU A 132 0.70 30.66 -5.20
C LEU A 132 0.14 32.05 -5.53
N GLU A 133 0.81 32.88 -6.34
CA GLU A 133 0.23 34.14 -6.84
C GLU A 133 -1.09 33.83 -7.52
N ASP A 134 -1.11 32.74 -8.31
CA ASP A 134 -2.35 32.40 -9.01
C ASP A 134 -3.45 31.99 -8.01
N THR A 135 -3.05 31.26 -6.95
CA THR A 135 -4.00 30.73 -5.97
C THR A 135 -4.60 31.97 -5.26
N ASP A 136 -3.72 32.90 -4.92
CA ASP A 136 -4.18 34.16 -4.29
C ASP A 136 -5.15 34.93 -5.17
N ALA A 137 -4.86 35.02 -6.50
CA ALA A 137 -5.70 35.81 -7.39
C ALA A 137 -7.06 35.14 -7.53
N ILE A 138 -7.05 33.81 -7.57
CA ILE A 138 -8.29 33.07 -7.77
C ILE A 138 -9.17 33.30 -6.50
N ASP A 139 -8.57 33.12 -5.33
CA ASP A 139 -9.29 33.31 -4.04
C ASP A 139 -9.79 34.71 -3.93
N GLN A 140 -8.92 35.70 -4.27
CA GLN A 140 -9.38 37.07 -4.31
C GLN A 140 -10.63 37.34 -5.19
N PHE A 141 -10.61 36.81 -6.41
CA PHE A 141 -11.66 37.02 -7.34
C PHE A 141 -12.96 36.37 -6.87
N ILE A 142 -12.87 35.17 -6.30
CA ILE A 142 -14.10 34.51 -5.83
C ILE A 142 -14.78 35.42 -4.77
N LYS A 143 -13.99 35.93 -3.85
CA LYS A 143 -14.54 36.76 -2.78
C LYS A 143 -15.09 38.06 -3.38
N ALA A 144 -14.32 38.77 -4.20
CA ALA A 144 -14.65 40.14 -4.71
C ALA A 144 -15.94 40.00 -5.56
N ASN A 145 -16.12 38.88 -6.22
CA ASN A 145 -17.33 38.79 -7.12
C ASN A 145 -18.37 37.85 -6.58
N GLN A 146 -18.18 37.29 -5.39
CA GLN A 146 -19.17 36.30 -4.84
C GLN A 146 -19.49 35.23 -5.88
N VAL A 147 -18.40 34.66 -6.39
CA VAL A 147 -18.53 33.71 -7.49
C VAL A 147 -19.33 32.54 -7.04
N ASP A 148 -20.29 32.15 -7.89
CA ASP A 148 -21.05 30.94 -7.67
C ASP A 148 -20.82 29.95 -8.84
N LYS A 149 -21.32 30.24 -10.02
CA LYS A 149 -21.14 29.36 -11.22
C LYS A 149 -19.74 29.53 -11.80
N VAL A 150 -19.03 28.40 -11.92
CA VAL A 150 -17.66 28.47 -12.37
CA VAL A 150 -17.68 28.49 -12.41
C VAL A 150 -17.55 27.44 -13.47
N LEU A 151 -16.93 27.83 -14.57
CA LEU A 151 -16.67 26.87 -15.74
C LEU A 151 -15.18 26.36 -15.55
N VAL A 152 -15.06 25.06 -15.41
CA VAL A 152 -13.74 24.46 -15.31
C VAL A 152 -13.47 23.84 -16.67
N VAL A 153 -12.39 24.33 -17.34
CA VAL A 153 -12.10 23.83 -18.74
C VAL A 153 -10.90 22.87 -18.58
N GLY A 154 -11.05 21.64 -19.02
CA GLY A 154 -9.94 20.65 -19.01
C GLY A 154 -10.29 19.59 -18.01
N ALA A 155 -9.88 18.37 -18.32
CA ALA A 155 -10.33 17.23 -17.49
C ALA A 155 -9.12 16.41 -17.04
N GLY A 156 -7.92 17.00 -17.06
CA GLY A 156 -6.75 16.39 -16.45
C GLY A 156 -6.84 16.42 -14.93
N TYR A 157 -5.89 15.73 -14.32
CA TYR A 157 -6.11 15.38 -12.95
C TYR A 157 -6.09 16.68 -12.13
N VAL A 158 -5.29 17.69 -12.45
CA VAL A 158 -5.37 18.92 -11.65
CA VAL A 158 -5.33 18.97 -11.69
C VAL A 158 -6.67 19.73 -11.79
N SER A 159 -7.16 19.84 -13.01
CA SER A 159 -8.47 20.43 -13.20
C SER A 159 -9.55 19.70 -12.45
N LEU A 160 -9.50 18.37 -12.43
CA LEU A 160 -10.45 17.63 -11.63
C LEU A 160 -10.35 17.96 -10.13
N GLU A 161 -9.13 18.05 -9.59
CA GLU A 161 -8.92 18.43 -8.20
C GLU A 161 -9.45 19.87 -7.98
N VAL A 162 -9.22 20.77 -8.94
CA VAL A 162 -9.76 22.13 -8.80
C VAL A 162 -11.32 22.12 -8.72
N LEU A 163 -11.91 21.32 -9.60
CA LEU A 163 -13.40 21.17 -9.63
C LEU A 163 -13.94 20.68 -8.26
N GLU A 164 -13.34 19.59 -7.78
CA GLU A 164 -13.76 19.03 -6.53
C GLU A 164 -13.65 20.12 -5.42
N ASN A 165 -12.52 20.81 -5.35
CA ASN A 165 -12.34 21.80 -4.33
C ASN A 165 -13.34 22.98 -4.44
N LEU A 166 -13.56 23.41 -5.65
CA LEU A 166 -14.59 24.47 -5.86
C LEU A 166 -15.97 24.05 -5.34
N TYR A 167 -16.40 22.84 -5.75
CA TYR A 167 -17.63 22.23 -5.21
C TYR A 167 -17.61 22.18 -3.69
N GLU A 168 -16.54 21.68 -3.07
CA GLU A 168 -16.60 21.59 -1.60
C GLU A 168 -16.67 22.99 -0.93
N ARG A 169 -16.01 23.97 -1.56
CA ARG A 169 -16.06 25.30 -1.04
C ARG A 169 -17.50 25.87 -1.11
N GLY A 170 -18.41 25.18 -1.84
CA GLY A 170 -19.81 25.74 -2.03
C GLY A 170 -20.19 26.36 -3.36
N LEU A 171 -19.26 26.33 -4.30
CA LEU A 171 -19.51 26.93 -5.58
C LEU A 171 -20.13 25.85 -6.46
N HIS A 172 -20.65 26.28 -7.57
CA HIS A 172 -21.26 25.38 -8.59
C HIS A 172 -20.50 25.27 -9.92
N PRO A 173 -19.52 24.35 -9.96
CA PRO A 173 -18.80 24.17 -11.20
C PRO A 173 -19.55 23.36 -12.26
N THR A 174 -19.22 23.62 -13.52
CA THR A 174 -19.50 22.74 -14.70
C THR A 174 -18.14 22.42 -15.29
N LEU A 175 -17.96 21.16 -15.65
CA LEU A 175 -16.74 20.74 -16.32
C LEU A 175 -16.99 20.66 -17.83
N ILE A 176 -16.04 21.21 -18.59
CA ILE A 176 -15.93 20.85 -20.04
C ILE A 176 -14.53 20.36 -20.41
N HIS A 177 -14.50 19.52 -21.48
CA HIS A 177 -13.20 19.13 -22.01
C HIS A 177 -13.30 18.98 -23.51
N ARG A 178 -12.26 19.40 -24.24
CA ARG A 178 -12.28 19.39 -25.72
C ARG A 178 -12.37 17.95 -26.33
N SER A 179 -12.14 16.89 -25.57
CA SER A 179 -12.24 15.52 -26.05
C SER A 179 -12.93 14.66 -25.01
N ASP A 180 -13.05 13.41 -25.29
CA ASP A 180 -13.61 12.55 -24.23
C ASP A 180 -12.54 11.86 -23.38
N LYS A 181 -11.28 12.21 -23.62
CA LYS A 181 -10.17 11.58 -22.92
C LYS A 181 -9.88 12.26 -21.58
N ILE A 182 -10.74 12.07 -20.61
CA ILE A 182 -10.59 12.70 -19.29
C ILE A 182 -9.42 11.91 -18.55
N ASN A 183 -8.80 12.60 -17.61
CA ASN A 183 -7.83 11.98 -16.71
C ASN A 183 -6.93 10.98 -17.47
N LYS A 184 -6.16 11.48 -18.44
CA LYS A 184 -5.60 10.64 -19.53
C LYS A 184 -4.49 9.68 -19.08
N LEU A 185 -3.97 9.83 -17.87
CA LEU A 185 -3.01 8.82 -17.40
C LEU A 185 -3.63 7.50 -17.02
N MET A 186 -4.98 7.48 -16.90
CA MET A 186 -5.72 6.27 -16.51
C MET A 186 -6.36 5.66 -17.80
N ASP A 187 -6.58 4.33 -17.78
CA ASP A 187 -7.16 3.61 -18.91
C ASP A 187 -8.53 4.26 -19.03
N ALA A 188 -8.93 4.50 -20.27
CA ALA A 188 -10.17 5.27 -20.50
C ALA A 188 -11.43 4.61 -19.99
N ASP A 189 -11.61 3.26 -20.11
CA ASP A 189 -12.79 2.62 -19.52
C ASP A 189 -12.82 2.67 -17.92
N MET A 190 -11.65 2.76 -17.32
CA MET A 190 -11.57 2.81 -15.88
C MET A 190 -11.82 4.20 -15.27
N ASN A 191 -12.01 5.23 -16.12
CA ASN A 191 -12.30 6.60 -15.59
C ASN A 191 -13.81 6.83 -15.41
N GLN A 192 -14.61 5.85 -15.79
CA GLN A 192 -16.07 6.05 -15.58
C GLN A 192 -16.51 6.57 -14.18
N PRO A 193 -15.93 6.11 -13.07
CA PRO A 193 -16.37 6.65 -11.74
C PRO A 193 -16.24 8.17 -11.61
N ILE A 194 -15.34 8.80 -12.40
CA ILE A 194 -15.25 10.28 -12.33
C ILE A 194 -16.63 10.83 -12.73
N LEU A 195 -17.11 10.33 -13.87
CA LEU A 195 -18.40 10.75 -14.42
C LEU A 195 -19.55 10.33 -13.51
N ASP A 196 -19.49 9.16 -12.92
CA ASP A 196 -20.46 8.81 -11.83
C ASP A 196 -20.51 9.79 -10.66
N GLU A 197 -19.35 10.22 -10.19
CA GLU A 197 -19.28 11.07 -9.02
C GLU A 197 -19.79 12.42 -9.37
N LEU A 198 -19.51 12.86 -10.62
CA LEU A 198 -20.13 14.12 -11.08
C LEU A 198 -21.66 13.99 -11.10
N ASP A 199 -22.13 12.91 -11.69
CA ASP A 199 -23.64 12.66 -11.82
C ASP A 199 -24.31 12.57 -10.46
N LYS A 200 -23.66 11.92 -9.49
CA LYS A 200 -24.23 11.71 -8.15
C LYS A 200 -24.43 13.06 -7.42
N ARG A 201 -23.54 14.02 -7.68
CA ARG A 201 -23.60 15.36 -7.14
C ARG A 201 -24.27 16.44 -8.00
N GLU A 202 -24.86 16.02 -9.09
CA GLU A 202 -25.47 16.86 -10.13
C GLU A 202 -24.53 17.99 -10.52
N ILE A 203 -23.24 17.68 -10.70
CA ILE A 203 -22.32 18.65 -11.17
C ILE A 203 -22.33 18.40 -12.70
N PRO A 204 -22.77 19.40 -13.52
CA PRO A 204 -22.84 19.26 -14.97
C PRO A 204 -21.47 19.00 -15.63
N TYR A 205 -21.48 18.21 -16.67
CA TYR A 205 -20.27 18.12 -17.53
C TYR A 205 -20.66 17.97 -18.97
N ARG A 206 -19.78 18.40 -19.86
CA ARG A 206 -19.92 18.24 -21.35
C ARG A 206 -18.51 17.92 -21.92
N LEU A 207 -18.34 16.74 -22.46
CA LEU A 207 -17.10 16.36 -23.18
C LEU A 207 -17.21 16.60 -24.66
N ASN A 208 -16.06 16.68 -25.33
CA ASN A 208 -16.02 17.20 -26.76
C ASN A 208 -16.75 18.58 -26.89
N GLU A 209 -16.44 19.48 -25.96
CA GLU A 209 -17.05 20.83 -25.83
C GLU A 209 -15.92 21.78 -25.63
N GLU A 210 -16.05 22.96 -26.18
CA GLU A 210 -15.03 24.04 -26.09
C GLU A 210 -15.76 25.37 -26.10
N ILE A 211 -15.09 26.35 -25.56
CA ILE A 211 -15.48 27.78 -25.69
C ILE A 211 -15.24 28.27 -27.14
N ASN A 212 -16.24 28.95 -27.70
CA ASN A 212 -16.19 29.57 -29.00
C ASN A 212 -15.93 31.08 -28.79
N ALA A 213 -16.67 31.72 -27.89
CA ALA A 213 -16.51 33.16 -27.66
C ALA A 213 -16.81 33.53 -26.22
N ILE A 214 -16.25 34.66 -25.74
CA ILE A 214 -16.57 35.16 -24.39
C ILE A 214 -17.01 36.62 -24.56
N ASN A 215 -18.22 36.91 -24.14
CA ASN A 215 -18.72 38.33 -24.15
C ASN A 215 -19.08 38.68 -22.73
N GLY A 216 -18.12 39.20 -21.97
CA GLY A 216 -18.36 39.54 -20.52
C GLY A 216 -18.47 38.22 -19.76
N ASN A 217 -19.65 37.97 -19.16
CA ASN A 217 -19.93 36.70 -18.47
C ASN A 217 -20.69 35.69 -19.32
N GLU A 218 -21.02 36.09 -20.56
CA GLU A 218 -21.81 35.24 -21.47
C GLU A 218 -20.82 34.43 -22.34
N ILE A 219 -20.85 33.13 -22.13
CA ILE A 219 -19.93 32.22 -22.83
C ILE A 219 -20.75 31.43 -23.88
N THR A 220 -20.32 31.50 -25.11
CA THR A 220 -20.84 30.70 -26.24
C THR A 220 -19.93 29.50 -26.53
N PHE A 221 -20.53 28.30 -26.67
CA PHE A 221 -19.75 27.07 -26.83
C PHE A 221 -19.89 26.46 -28.18
N LYS A 222 -18.95 25.53 -28.51
CA LYS A 222 -18.91 24.83 -29.78
C LYS A 222 -20.30 24.13 -30.05
N SER A 223 -20.92 23.63 -28.97
CA SER A 223 -22.18 22.89 -29.12
C SER A 223 -23.29 23.84 -29.54
N GLY A 224 -23.03 25.14 -29.54
CA GLY A 224 -24.08 26.20 -29.69
C GLY A 224 -24.74 26.67 -28.39
N LYS A 225 -24.41 26.02 -27.25
CA LYS A 225 -24.98 26.40 -25.96
C LYS A 225 -24.46 27.80 -25.59
N VAL A 226 -25.30 28.57 -24.87
CA VAL A 226 -24.85 29.87 -24.34
C VAL A 226 -25.15 29.90 -22.81
N GLU A 227 -24.16 30.21 -21.98
CA GLU A 227 -24.35 30.10 -20.55
C GLU A 227 -23.65 31.29 -19.90
N HIS A 228 -24.19 31.71 -18.77
CA HIS A 228 -23.51 32.75 -17.98
CA HIS A 228 -23.60 32.73 -17.88
C HIS A 228 -22.66 32.08 -16.86
N TYR A 229 -21.41 32.53 -16.75
CA TYR A 229 -20.48 32.04 -15.67
C TYR A 229 -19.83 33.19 -14.98
N ASP A 230 -19.64 33.08 -13.69
CA ASP A 230 -19.00 34.21 -12.91
C ASP A 230 -17.48 34.13 -13.01
N MET A 231 -16.93 32.92 -13.29
N MET A 231 -16.97 32.94 -13.41
CA MET A 231 -15.47 32.73 -13.31
CA MET A 231 -15.53 32.68 -13.41
C MET A 231 -15.12 31.43 -14.12
C MET A 231 -15.23 31.52 -14.37
N ILE A 232 -13.98 31.45 -14.84
CA ILE A 232 -13.52 30.29 -15.68
C ILE A 232 -12.12 30.01 -15.16
N ILE A 233 -11.84 28.71 -14.91
CA ILE A 233 -10.48 28.24 -14.56
C ILE A 233 -10.10 27.36 -15.73
N GLU A 234 -9.09 27.78 -16.49
CA GLU A 234 -8.61 26.97 -17.64
CA GLU A 234 -8.58 26.98 -17.63
C GLU A 234 -7.44 26.06 -17.25
N GLY A 235 -7.65 24.75 -17.47
CA GLY A 235 -6.66 23.67 -17.21
C GLY A 235 -6.42 23.03 -18.59
N VAL A 236 -5.70 23.71 -19.45
CA VAL A 236 -5.66 23.35 -20.87
C VAL A 236 -4.20 22.94 -21.26
N GLY A 237 -3.59 22.34 -20.31
CA GLY A 237 -2.20 21.88 -20.60
C GLY A 237 -1.14 22.85 -20.14
N THR A 238 0.12 22.41 -20.26
CA THR A 238 1.23 23.30 -19.89
C THR A 238 2.26 23.31 -21.02
N HIS A 239 3.26 24.22 -20.92
CA HIS A 239 4.34 24.32 -21.90
C HIS A 239 5.66 24.51 -21.15
N PRO A 240 6.75 23.98 -21.69
CA PRO A 240 8.01 24.09 -20.96
C PRO A 240 8.52 25.51 -20.90
N ASN A 241 9.13 25.87 -19.71
CA ASN A 241 9.65 27.21 -19.56
C ASN A 241 11.13 27.20 -20.11
N SER A 242 11.26 27.16 -21.43
CA SER A 242 12.59 27.08 -22.08
C SER A 242 12.86 28.14 -23.09
N LYS A 243 12.00 29.13 -23.24
CA LYS A 243 12.34 30.20 -24.21
C LYS A 243 13.66 30.90 -23.88
N PHE A 244 14.02 31.02 -22.60
CA PHE A 244 15.23 31.73 -22.25
C PHE A 244 16.46 30.89 -22.59
N ILE A 245 16.24 29.65 -23.01
CA ILE A 245 17.36 28.71 -23.18
C ILE A 245 17.73 28.62 -24.66
N GLU A 246 16.83 29.03 -25.57
CA GLU A 246 16.97 28.77 -27.01
C GLU A 246 18.23 29.36 -27.64
N SER A 247 18.67 30.50 -27.15
CA SER A 247 19.89 31.07 -27.73
C SER A 247 21.20 30.40 -27.33
N SER A 248 21.15 29.52 -26.31
CA SER A 248 22.36 28.91 -25.76
C SER A 248 22.75 27.67 -26.58
N ASN A 249 23.83 27.01 -26.18
CA ASN A 249 24.18 25.74 -26.85
C ASN A 249 23.39 24.51 -26.37
N ILE A 250 22.51 24.68 -25.38
CA ILE A 250 21.83 23.49 -24.88
C ILE A 250 20.85 22.96 -25.92
N LYS A 251 20.83 21.65 -26.16
CA LYS A 251 19.96 21.00 -27.12
C LYS A 251 18.53 20.81 -26.55
N LEU A 252 17.56 21.34 -27.30
CA LEU A 252 16.13 21.20 -26.93
C LEU A 252 15.55 20.26 -27.91
N ASP A 253 14.60 19.45 -27.44
CA ASP A 253 13.80 18.72 -28.39
C ASP A 253 12.76 19.62 -29.14
N ARG A 254 12.03 19.03 -30.08
CA ARG A 254 11.16 19.81 -30.96
C ARG A 254 9.98 20.41 -30.17
N LYS A 255 9.74 19.92 -28.95
CA LYS A 255 8.66 20.46 -28.03
C LYS A 255 9.16 21.47 -27.02
N GLY A 256 10.47 21.67 -27.02
CA GLY A 256 11.11 22.59 -26.05
C GLY A 256 11.55 22.01 -24.72
N PHE A 257 11.62 20.67 -24.62
CA PHE A 257 12.21 20.11 -23.39
C PHE A 257 13.68 19.81 -23.58
N ILE A 258 14.35 19.51 -22.47
CA ILE A 258 15.81 19.28 -22.51
C ILE A 258 16.07 17.79 -22.28
N PRO A 259 16.51 17.05 -23.37
CA PRO A 259 16.90 15.67 -23.17
C PRO A 259 18.13 15.62 -22.23
N VAL A 260 18.08 14.71 -21.23
CA VAL A 260 19.26 14.54 -20.28
C VAL A 260 19.72 13.09 -20.23
N ASN A 261 20.99 12.96 -19.91
CA ASN A 261 21.48 11.61 -19.57
C ASN A 261 21.11 11.16 -18.17
N ASP A 262 21.63 10.01 -17.72
CA ASP A 262 21.26 9.49 -16.42
C ASP A 262 21.88 10.19 -15.16
N LYS A 263 22.76 11.18 -15.46
CA LYS A 263 23.31 12.06 -14.43
C LYS A 263 22.59 13.44 -14.51
N PHE A 264 21.46 13.49 -15.26
CA PHE A 264 20.72 14.76 -15.47
C PHE A 264 21.58 15.85 -16.10
N GLU A 265 22.64 15.41 -16.80
CA GLU A 265 23.43 16.36 -17.54
C GLU A 265 22.75 16.72 -18.85
N THR A 266 22.84 18.00 -19.25
CA THR A 266 22.48 18.41 -20.64
C THR A 266 23.70 18.10 -21.58
N ASN A 267 23.59 18.41 -22.85
CA ASN A 267 24.76 18.23 -23.79
C ASN A 267 25.87 19.22 -23.51
N VAL A 268 25.60 20.25 -22.68
CA VAL A 268 26.65 21.27 -22.39
C VAL A 268 27.31 20.98 -21.08
N PRO A 269 28.68 20.95 -21.06
CA PRO A 269 29.30 20.67 -19.78
C PRO A 269 28.89 21.70 -18.67
N ASN A 270 28.79 21.18 -17.46
CA ASN A 270 28.53 21.91 -16.24
C ASN A 270 27.10 22.41 -16.15
N ILE A 271 26.25 22.09 -17.13
CA ILE A 271 24.78 22.44 -16.99
C ILE A 271 23.92 21.16 -16.82
N TYR A 272 23.14 21.12 -15.74
CA TYR A 272 22.23 20.00 -15.49
C TYR A 272 20.81 20.52 -15.71
N ALA A 273 19.88 19.63 -16.03
CA ALA A 273 18.43 20.05 -16.07
C ALA A 273 17.61 18.96 -15.31
N ILE A 274 16.65 19.42 -14.47
CA ILE A 274 15.91 18.48 -13.64
C ILE A 274 14.43 18.94 -13.69
N GLY A 275 13.54 18.09 -13.18
CA GLY A 275 12.13 18.45 -13.07
C GLY A 275 11.38 18.40 -14.38
N ASP A 276 10.25 19.11 -14.45
CA ASP A 276 9.40 19.00 -15.67
C ASP A 276 10.08 19.35 -17.02
N ILE A 277 11.15 20.17 -17.01
CA ILE A 277 11.86 20.52 -18.23
C ILE A 277 12.69 19.37 -18.83
N ALA A 278 12.97 18.32 -18.04
CA ALA A 278 13.93 17.25 -18.49
C ALA A 278 13.25 16.05 -19.04
N THR A 279 13.82 15.41 -20.06
CA THR A 279 13.21 14.18 -20.55
C THR A 279 14.25 13.09 -20.47
N SER A 280 13.74 11.89 -20.22
CA SER A 280 14.62 10.75 -19.87
C SER A 280 14.04 9.50 -20.57
N HIS A 281 14.11 8.34 -19.95
CA HIS A 281 13.58 7.09 -20.55
C HIS A 281 12.96 6.29 -19.47
N TYR A 282 12.06 5.35 -19.83
CA TYR A 282 11.60 4.38 -18.86
C TYR A 282 12.64 3.49 -18.23
N ARG A 283 12.39 3.05 -16.99
CA ARG A 283 13.30 2.12 -16.38
C ARG A 283 13.16 0.71 -16.93
N HIS A 284 11.92 0.30 -17.19
CA HIS A 284 11.62 -1.12 -17.47
C HIS A 284 11.50 -1.46 -18.94
N VAL A 285 11.41 -0.47 -19.81
CA VAL A 285 11.38 -0.63 -21.26
C VAL A 285 12.27 0.36 -21.92
N ASP A 286 12.68 0.05 -23.15
CA ASP A 286 13.61 0.97 -23.88
C ASP A 286 12.79 1.97 -24.74
N LEU A 287 12.17 2.95 -24.05
CA LEU A 287 11.41 3.99 -24.71
C LEU A 287 11.69 5.29 -23.96
N PRO A 288 11.52 6.40 -24.67
CA PRO A 288 11.65 7.74 -24.03
C PRO A 288 10.48 7.93 -23.08
N ALA A 289 10.74 8.68 -22.00
CA ALA A 289 9.70 9.02 -21.07
C ALA A 289 9.88 10.50 -20.67
N SER A 290 8.76 11.10 -20.46
CA SER A 290 8.68 12.38 -19.66
C SER A 290 7.50 12.22 -18.65
N VAL A 291 7.76 12.51 -17.40
CA VAL A 291 6.87 12.21 -16.29
C VAL A 291 6.98 13.47 -15.41
N PRO A 292 6.15 14.49 -15.73
CA PRO A 292 6.32 15.84 -15.13
C PRO A 292 5.52 15.91 -13.81
N LEU A 293 6.08 15.23 -12.80
CA LEU A 293 5.42 15.04 -11.49
C LEU A 293 6.48 15.27 -10.39
N ALA A 294 5.99 15.41 -9.15
CA ALA A 294 6.85 15.89 -8.02
C ALA A 294 7.96 14.87 -7.72
N TRP A 295 7.64 13.55 -7.76
CA TRP A 295 8.61 12.54 -7.38
C TRP A 295 9.89 12.69 -8.20
N GLY A 296 9.76 12.85 -9.52
CA GLY A 296 10.91 12.92 -10.45
C GLY A 296 11.71 14.18 -10.20
N ALA A 297 11.04 15.28 -9.92
CA ALA A 297 11.77 16.53 -9.55
C ALA A 297 12.63 16.32 -8.28
N HIS A 298 12.00 15.74 -7.22
CA HIS A 298 12.78 15.53 -5.98
C HIS A 298 13.87 14.46 -6.20
N ARG A 299 13.60 13.41 -7.00
CA ARG A 299 14.63 12.37 -7.19
C ARG A 299 15.84 12.87 -7.99
N ALA A 300 15.59 13.59 -9.06
CA ALA A 300 16.64 14.20 -9.87
C ALA A 300 17.42 15.24 -9.04
N ALA A 301 16.72 16.01 -8.17
CA ALA A 301 17.37 17.04 -7.32
C ALA A 301 18.40 16.28 -6.49
N SER A 302 18.06 15.07 -5.99
CA SER A 302 19.04 14.34 -5.14
C SER A 302 20.19 13.79 -5.90
N ILE A 303 19.91 13.26 -7.09
CA ILE A 303 20.96 12.65 -7.92
C ILE A 303 21.94 13.76 -8.35
N VAL A 304 21.40 14.92 -8.75
CA VAL A 304 22.30 16.03 -9.14
C VAL A 304 23.15 16.50 -7.95
N ALA A 305 22.60 16.54 -6.77
CA ALA A 305 23.40 16.90 -5.55
C ALA A 305 24.52 15.91 -5.34
N GLU A 306 24.21 14.63 -5.47
CA GLU A 306 25.26 13.57 -5.42
C GLU A 306 26.30 13.78 -6.55
N GLN A 307 25.88 14.04 -7.77
CA GLN A 307 26.79 14.26 -8.85
C GLN A 307 27.80 15.42 -8.54
N ILE A 308 27.25 16.50 -8.03
CA ILE A 308 28.06 17.71 -7.80
C ILE A 308 28.92 17.61 -6.57
N ALA A 309 28.39 17.03 -5.49
CA ALA A 309 29.00 17.22 -4.16
C ALA A 309 29.04 15.95 -3.35
N GLY A 310 28.58 14.83 -3.90
CA GLY A 310 28.55 13.57 -3.18
C GLY A 310 29.15 12.48 -4.03
N ASN A 311 28.42 11.39 -4.11
CA ASN A 311 28.93 10.17 -4.77
C ASN A 311 28.55 10.19 -6.23
N ASP A 312 29.52 10.47 -7.09
CA ASP A 312 29.22 10.61 -8.55
C ASP A 312 28.97 9.32 -9.33
N THR A 313 28.84 8.20 -8.66
CA THR A 313 28.43 6.95 -9.31
C THR A 313 26.92 6.79 -9.25
N ILE A 314 26.26 7.57 -8.39
CA ILE A 314 24.72 7.57 -8.26
C ILE A 314 24.03 8.21 -9.54
N GLU A 315 23.29 7.37 -10.28
CA GLU A 315 22.73 7.77 -11.56
C GLU A 315 21.32 7.26 -11.58
N PHE A 316 20.49 7.96 -12.35
CA PHE A 316 19.03 7.63 -12.49
C PHE A 316 18.94 6.34 -13.28
N LYS A 317 17.89 5.56 -13.01
CA LYS A 317 17.70 4.32 -13.76
C LYS A 317 16.48 4.41 -14.68
N GLY A 318 15.89 5.59 -14.79
CA GLY A 318 14.71 5.84 -15.61
C GLY A 318 13.41 5.87 -14.82
N PHE A 319 12.32 6.23 -15.52
CA PHE A 319 11.04 6.40 -14.88
C PHE A 319 10.16 5.19 -14.99
N LEU A 320 9.19 5.07 -14.08
CA LEU A 320 8.10 4.10 -14.30
C LEU A 320 6.78 4.83 -14.59
N GLY A 321 6.70 6.10 -14.23
CA GLY A 321 5.50 6.89 -14.43
C GLY A 321 4.37 6.56 -13.47
N ASN A 322 4.71 6.35 -12.18
CA ASN A 322 3.67 6.14 -11.16
C ASN A 322 2.94 7.43 -10.89
N ASN A 323 1.63 7.38 -10.96
CA ASN A 323 0.78 8.62 -10.82
C ASN A 323 -0.57 8.30 -10.22
N ILE A 324 -1.19 9.30 -9.61
CA ILE A 324 -2.39 9.04 -8.86
C ILE A 324 -3.17 10.33 -8.70
N VAL A 325 -4.48 10.16 -8.64
CA VAL A 325 -5.40 11.27 -8.25
C VAL A 325 -6.60 10.79 -7.43
N LYS A 326 -7.03 11.63 -6.47
CA LYS A 326 -8.29 11.49 -5.76
C LYS A 326 -9.34 12.30 -6.46
N PHE A 327 -10.50 11.69 -6.68
CA PHE A 327 -11.67 12.52 -7.13
C PHE A 327 -12.89 12.00 -6.34
N PHE A 328 -13.37 12.89 -5.42
CA PHE A 328 -14.43 12.58 -4.46
C PHE A 328 -14.10 11.25 -3.74
N ASP A 329 -14.95 10.23 -3.85
CA ASP A 329 -14.74 9.04 -3.04
C ASP A 329 -13.79 8.03 -3.68
N TYR A 330 -13.25 8.35 -4.87
CA TYR A 330 -12.45 7.34 -5.68
C TYR A 330 -10.98 7.71 -5.82
N THR A 331 -10.16 6.70 -6.01
CA THR A 331 -8.76 6.88 -6.28
C THR A 331 -8.45 6.22 -7.66
N PHE A 332 -7.58 6.85 -8.45
CA PHE A 332 -7.28 6.42 -9.82
C PHE A 332 -5.79 6.41 -9.93
N ALA A 333 -5.15 5.27 -10.07
CA ALA A 333 -3.68 5.21 -10.00
C ALA A 333 -3.17 4.27 -11.11
N SER A 334 -2.06 4.66 -11.76
CA SER A 334 -1.47 3.82 -12.80
C SER A 334 0.04 3.95 -12.78
N VAL A 335 0.71 2.97 -13.37
CA VAL A 335 2.12 3.05 -13.47
C VAL A 335 2.55 2.25 -14.73
N GLY A 336 3.72 2.60 -15.26
CA GLY A 336 4.25 1.95 -16.49
C GLY A 336 4.02 2.77 -17.73
N VAL A 337 4.04 2.13 -18.89
CA VAL A 337 3.84 2.86 -20.17
C VAL A 337 2.40 3.38 -20.25
N LYS A 338 2.22 4.49 -20.92
CA LYS A 338 0.88 5.12 -21.08
C LYS A 338 0.04 4.23 -22.00
N PRO A 339 -1.28 4.39 -21.95
CA PRO A 339 -2.19 3.67 -22.88
C PRO A 339 -1.75 3.70 -24.33
N ASN A 340 -1.44 4.88 -24.84
CA ASN A 340 -1.11 4.93 -26.28
C ASN A 340 0.28 4.26 -26.57
N GLU A 341 1.08 3.95 -25.55
CA GLU A 341 2.38 3.35 -25.85
C GLU A 341 2.35 1.82 -25.82
N LEU A 342 1.26 1.28 -25.35
CA LEU A 342 1.10 -0.22 -25.29
C LEU A 342 1.27 -0.78 -26.68
N LYS A 343 0.85 -0.04 -27.72
CA LYS A 343 0.99 -0.57 -29.09
C LYS A 343 2.42 -0.82 -29.61
N GLN A 344 3.45 -0.39 -28.87
CA GLN A 344 4.78 -0.68 -29.24
C GLN A 344 5.18 -2.03 -28.79
N PHE A 345 4.25 -2.72 -28.12
CA PHE A 345 4.58 -4.04 -27.63
C PHE A 345 3.56 -5.05 -28.08
N ASP A 346 4.01 -6.33 -28.05
CA ASP A 346 3.03 -7.38 -28.08
C ASP A 346 2.60 -7.71 -26.66
N TYR A 347 1.31 -7.54 -26.40
CA TYR A 347 0.89 -7.55 -24.98
C TYR A 347 -0.39 -8.26 -24.74
N LYS A 348 -0.58 -8.68 -23.49
CA LYS A 348 -1.88 -9.16 -22.98
C LYS A 348 -2.29 -8.39 -21.70
N MET A 349 -3.59 -8.43 -21.41
CA MET A 349 -4.19 -7.75 -20.26
C MET A 349 -4.86 -8.78 -19.36
N VAL A 350 -4.70 -8.60 -18.06
CA VAL A 350 -5.33 -9.43 -17.02
C VAL A 350 -5.90 -8.47 -16.05
N GLU A 351 -7.06 -8.79 -15.48
CA GLU A 351 -7.66 -7.86 -14.50
C GLU A 351 -8.59 -8.65 -13.50
N VAL A 352 -8.83 -8.05 -12.31
CA VAL A 352 -9.70 -8.66 -11.31
CA VAL A 352 -9.74 -8.65 -11.34
C VAL A 352 -10.46 -7.48 -10.71
N THR A 353 -11.71 -7.72 -10.30
CA THR A 353 -12.46 -6.76 -9.54
C THR A 353 -12.92 -7.55 -8.31
N GLN A 354 -12.41 -7.20 -7.15
CA GLN A 354 -12.72 -7.85 -5.89
C GLN A 354 -12.77 -6.82 -4.73
N GLY A 355 -13.33 -7.21 -3.59
CA GLY A 355 -13.37 -6.30 -2.47
C GLY A 355 -11.95 -5.85 -2.12
N ALA A 356 -11.82 -4.58 -1.75
CA ALA A 356 -10.53 -4.04 -1.24
C ALA A 356 -10.03 -4.85 -0.02
N HIS A 357 -10.99 -5.34 0.79
CA HIS A 357 -10.56 -6.06 1.98
C HIS A 357 -11.62 -7.21 2.18
N ALA A 358 -11.55 -7.93 3.30
CA ALA A 358 -12.43 -9.12 3.42
C ALA A 358 -13.88 -8.72 3.29
N ASN A 359 -14.66 -9.55 2.60
CA ASN A 359 -15.98 -9.08 2.14
C ASN A 359 -16.94 -8.84 3.28
N TYR A 360 -16.76 -9.62 4.35
CA TYR A 360 -17.59 -9.50 5.55
C TYR A 360 -17.16 -8.39 6.43
N TYR A 361 -16.06 -7.70 6.08
CA TYR A 361 -15.60 -6.63 6.96
C TYR A 361 -16.17 -5.35 6.48
N PRO A 362 -16.73 -4.54 7.38
CA PRO A 362 -17.58 -3.43 6.87
C PRO A 362 -16.81 -2.33 6.14
N GLY A 363 -17.53 -1.50 5.34
CA GLY A 363 -16.88 -0.40 4.66
C GLY A 363 -16.12 -0.95 3.42
N ASN A 364 -16.48 -2.16 2.96
CA ASN A 364 -15.78 -2.73 1.78
C ASN A 364 -16.20 -2.01 0.51
N SER A 365 -15.35 -2.06 -0.50
CA SER A 365 -15.75 -1.45 -1.84
C SER A 365 -15.08 -2.28 -2.94
N PRO A 366 -15.65 -2.35 -4.16
CA PRO A 366 -14.97 -3.12 -5.23
C PRO A 366 -13.70 -2.40 -5.79
N LEU A 367 -12.56 -3.08 -5.75
CA LEU A 367 -11.36 -2.44 -6.34
C LEU A 367 -11.06 -3.19 -7.63
N HIS A 368 -10.91 -2.43 -8.70
CA HIS A 368 -10.57 -2.99 -10.04
C HIS A 368 -9.08 -2.83 -10.28
N LEU A 369 -8.35 -3.95 -10.43
CA LEU A 369 -6.87 -3.90 -10.72
C LEU A 369 -6.64 -4.56 -12.06
N ARG A 370 -5.93 -3.88 -12.94
CA ARG A 370 -5.58 -4.33 -14.25
C ARG A 370 -4.08 -4.29 -14.48
N VAL A 371 -3.54 -5.36 -15.08
CA VAL A 371 -2.08 -5.43 -15.40
C VAL A 371 -1.89 -5.86 -16.85
N TYR A 372 -0.99 -5.15 -17.56
CA TYR A 372 -0.60 -5.50 -18.90
C TYR A 372 0.79 -6.10 -18.86
N TYR A 373 0.97 -7.19 -19.60
CA TYR A 373 2.33 -7.74 -19.65
C TYR A 373 2.74 -8.01 -21.09
N ASP A 374 4.05 -8.06 -21.30
CA ASP A 374 4.65 -8.26 -22.61
C ASP A 374 4.70 -9.77 -22.91
N THR A 375 4.14 -10.17 -24.05
CA THR A 375 4.06 -11.65 -24.32
C THR A 375 5.43 -12.21 -24.65
N SER A 376 6.39 -11.40 -25.04
CA SER A 376 7.73 -11.92 -25.36
C SER A 376 8.52 -12.34 -24.14
N ASN A 377 8.24 -11.76 -22.97
CA ASN A 377 9.06 -12.05 -21.76
C ASN A 377 8.33 -12.07 -20.46
N ARG A 378 6.98 -11.96 -20.50
CA ARG A 378 6.05 -11.99 -19.33
C ARG A 378 6.22 -10.80 -18.40
N GLN A 379 7.03 -9.80 -18.77
CA GLN A 379 7.33 -8.67 -17.91
C GLN A 379 6.12 -7.75 -17.84
N ILE A 380 5.88 -7.16 -16.68
CA ILE A 380 4.75 -6.25 -16.53
C ILE A 380 5.08 -4.91 -17.24
N LEU A 381 4.16 -4.42 -18.05
CA LEU A 381 4.41 -3.21 -18.85
C LEU A 381 3.69 -1.99 -18.20
N ARG A 382 2.56 -2.27 -17.59
CA ARG A 382 1.64 -1.21 -17.10
C ARG A 382 0.66 -1.82 -16.13
N ALA A 383 0.24 -1.04 -15.11
CA ALA A 383 -0.85 -1.45 -14.22
C ALA A 383 -1.72 -0.29 -13.90
N ALA A 384 -3.00 -0.55 -13.62
CA ALA A 384 -3.92 0.51 -13.30
C ALA A 384 -4.92 0.02 -12.25
N ALA A 385 -5.29 0.89 -11.33
CA ALA A 385 -6.28 0.48 -10.31
C ALA A 385 -7.21 1.62 -9.98
N VAL A 386 -8.49 1.29 -9.89
CA VAL A 386 -9.47 2.29 -9.51
C VAL A 386 -10.42 1.69 -8.51
N GLY A 387 -10.71 2.48 -7.46
CA GLY A 387 -11.57 2.04 -6.37
C GLY A 387 -11.65 3.12 -5.28
N LYS A 388 -12.71 3.04 -4.42
CA LYS A 388 -12.69 3.85 -3.16
C LYS A 388 -11.60 3.52 -2.15
N GLU A 389 -11.15 2.24 -2.14
CA GLU A 389 -10.13 1.81 -1.20
C GLU A 389 -9.06 0.91 -1.85
N GLY A 390 -7.79 1.09 -1.46
CA GLY A 390 -6.76 0.10 -1.82
C GLY A 390 -6.04 0.24 -3.13
N ALA A 391 -6.46 1.21 -3.96
CA ALA A 391 -5.78 1.41 -5.23
C ALA A 391 -4.35 1.89 -5.07
N ASP A 392 -4.08 2.84 -4.17
CA ASP A 392 -2.71 3.34 -4.11
C ASP A 392 -1.81 2.21 -3.55
N LYS A 393 -2.34 1.39 -2.64
CA LYS A 393 -1.49 0.27 -2.08
C LYS A 393 -1.08 -0.75 -3.22
N ARG A 394 -2.04 -1.12 -4.06
CA ARG A 394 -1.70 -2.14 -5.08
C ARG A 394 -0.75 -1.51 -6.11
N ILE A 395 -0.97 -0.22 -6.41
CA ILE A 395 -0.17 0.35 -7.49
C ILE A 395 1.28 0.59 -7.03
N ASP A 396 1.41 1.00 -5.78
CA ASP A 396 2.77 1.15 -5.23
C ASP A 396 3.48 -0.22 -5.18
N VAL A 397 2.73 -1.29 -4.85
CA VAL A 397 3.39 -2.63 -4.83
C VAL A 397 3.87 -2.96 -6.27
N LEU A 398 3.08 -2.68 -7.25
CA LEU A 398 3.41 -3.07 -8.60
C LEU A 398 4.51 -2.15 -9.17
N SER A 399 4.56 -0.87 -8.71
CA SER A 399 5.72 -0.07 -9.08
C SER A 399 7.04 -0.72 -8.53
N MET A 400 7.03 -1.20 -7.27
CA MET A 400 8.15 -1.89 -6.72
C MET A 400 8.48 -3.17 -7.56
N ALA A 401 7.42 -3.88 -7.98
CA ALA A 401 7.62 -5.09 -8.79
C ALA A 401 8.25 -4.74 -10.15
N MET A 402 7.82 -3.63 -10.77
CA MET A 402 8.29 -3.24 -12.13
C MET A 402 9.74 -2.70 -12.04
N MET A 403 10.07 -2.07 -10.91
CA MET A 403 11.42 -1.63 -10.70
C MET A 403 12.37 -2.79 -10.83
N ASN A 404 11.87 -3.96 -10.52
CA ASN A 404 12.70 -5.15 -10.60
C ASN A 404 12.36 -6.02 -11.88
N GLN A 405 11.77 -5.40 -12.89
CA GLN A 405 11.23 -6.05 -14.16
C GLN A 405 10.57 -7.41 -13.81
N LEU A 406 9.82 -7.46 -12.70
CA LEU A 406 9.19 -8.69 -12.22
C LEU A 406 8.17 -9.16 -13.32
N THR A 407 7.97 -10.46 -13.38
CA THR A 407 6.98 -10.94 -14.37
C THR A 407 5.60 -11.06 -13.77
N VAL A 408 4.62 -11.13 -14.63
CA VAL A 408 3.22 -11.23 -14.16
C VAL A 408 3.04 -12.55 -13.41
N ASP A 409 3.80 -13.59 -13.82
CA ASP A 409 3.53 -14.89 -13.20
C ASP A 409 3.99 -14.88 -11.75
N GLU A 410 5.07 -14.16 -11.48
CA GLU A 410 5.62 -14.05 -10.10
C GLU A 410 4.73 -13.31 -9.14
N LEU A 411 3.65 -12.66 -9.62
CA LEU A 411 2.76 -12.06 -8.67
C LEU A 411 2.06 -13.09 -7.77
N THR A 412 1.94 -14.36 -8.23
CA THR A 412 1.40 -15.37 -7.30
C THR A 412 2.19 -15.47 -6.00
N GLU A 413 3.46 -15.06 -6.05
CA GLU A 413 4.36 -15.25 -4.92
C GLU A 413 4.41 -14.06 -3.95
N PHE A 414 3.71 -13.00 -4.33
CA PHE A 414 3.72 -11.82 -3.48
C PHE A 414 3.07 -12.12 -2.12
N GLU A 415 3.76 -11.81 -1.01
CA GLU A 415 3.26 -12.15 0.36
C GLU A 415 2.64 -10.92 0.95
N VAL A 416 1.33 -10.83 0.81
CA VAL A 416 0.56 -9.68 1.32
C VAL A 416 0.50 -9.67 2.89
N ALA A 417 0.29 -8.49 3.46
CA ALA A 417 -0.11 -8.34 4.90
C ALA A 417 -1.60 -8.58 4.98
N TYR A 418 -1.98 -9.78 5.50
CA TYR A 418 -3.45 -10.03 5.50
C TYR A 418 -4.02 -10.02 6.94
N ALA A 419 -5.05 -9.18 7.16
CA ALA A 419 -6.08 -9.29 8.26
C ALA A 419 -7.35 -8.73 7.59
N PRO A 420 -8.53 -9.05 8.16
CA PRO A 420 -9.80 -8.67 7.47
C PRO A 420 -9.89 -7.21 7.01
N PRO A 421 -9.42 -6.23 7.80
CA PRO A 421 -9.56 -4.84 7.31
C PRO A 421 -8.69 -4.46 6.07
N TYR A 422 -7.79 -5.34 5.64
CA TYR A 422 -6.73 -4.85 4.75
C TYR A 422 -6.67 -5.48 3.33
N SER A 423 -7.02 -6.76 3.24
CA SER A 423 -6.76 -7.49 1.98
C SER A 423 -7.49 -8.86 2.04
N HIS A 424 -7.01 -9.83 1.30
CA HIS A 424 -7.53 -11.29 1.35
C HIS A 424 -6.29 -12.20 1.44
N PRO A 425 -6.51 -13.44 1.93
CA PRO A 425 -5.40 -14.44 1.90
C PRO A 425 -4.73 -14.59 0.49
N LYS A 426 -5.53 -14.53 -0.58
CA LYS A 426 -5.02 -14.37 -1.96
CA LYS A 426 -4.98 -14.35 -1.94
C LYS A 426 -5.37 -12.96 -2.35
N ASP A 427 -4.41 -12.06 -2.27
CA ASP A 427 -4.75 -10.60 -2.55
C ASP A 427 -5.06 -10.39 -4.03
N LEU A 428 -5.71 -9.30 -4.35
CA LEU A 428 -5.87 -8.99 -5.75
C LEU A 428 -4.60 -9.14 -6.63
N ILE A 429 -3.44 -8.68 -6.09
CA ILE A 429 -2.19 -8.87 -6.79
C ILE A 429 -1.91 -10.36 -7.09
N ASN A 430 -2.07 -11.22 -6.06
CA ASN A 430 -1.89 -12.67 -6.30
C ASN A 430 -2.84 -13.19 -7.38
N MET A 431 -4.12 -12.78 -7.32
N MET A 431 -4.12 -12.78 -7.30
CA MET A 431 -5.13 -13.23 -8.30
CA MET A 431 -5.14 -13.20 -8.26
C MET A 431 -4.77 -12.90 -9.76
C MET A 431 -4.76 -12.91 -9.72
N ILE A 432 -4.19 -11.72 -10.00
CA ILE A 432 -3.56 -11.40 -11.32
C ILE A 432 -2.59 -12.53 -11.79
N GLY A 433 -1.70 -12.93 -10.88
CA GLY A 433 -0.68 -13.97 -11.17
C GLY A 433 -1.44 -15.27 -11.49
N TYR A 434 -2.47 -15.60 -10.70
CA TYR A 434 -3.13 -16.91 -10.89
C TYR A 434 -3.90 -16.89 -12.20
N LYS A 435 -4.35 -15.70 -12.58
CA LYS A 435 -5.23 -15.52 -13.77
C LYS A 435 -4.45 -15.34 -15.08
N ALA A 436 -3.12 -15.39 -15.04
CA ALA A 436 -2.33 -15.00 -16.19
C ALA A 436 -1.93 -16.23 -17.01
N LYS A 437 -2.36 -17.39 -16.53
CA LYS A 437 -2.00 -18.62 -17.28
C LYS A 437 -2.96 -19.07 -18.41
N PRO B 1 -5.48 -39.71 -8.86
CA PRO B 1 -5.17 -40.52 -7.69
C PRO B 1 -6.25 -40.38 -6.62
N LYS B 2 -6.34 -41.32 -5.68
CA LYS B 2 -7.25 -41.15 -4.51
C LYS B 2 -6.58 -40.19 -3.51
N ILE B 3 -7.28 -39.09 -3.20
CA ILE B 3 -6.72 -37.99 -2.30
C ILE B 3 -7.43 -37.91 -0.93
N VAL B 4 -6.69 -38.11 0.16
CA VAL B 4 -7.29 -37.85 1.49
C VAL B 4 -6.67 -36.55 2.10
N VAL B 5 -7.52 -35.68 2.64
CA VAL B 5 -7.10 -34.40 3.25
C VAL B 5 -7.46 -34.45 4.73
N VAL B 6 -6.58 -34.00 5.63
CA VAL B 6 -6.90 -33.97 7.05
C VAL B 6 -7.02 -32.51 7.45
N GLY B 7 -8.24 -32.08 7.86
CA GLY B 7 -8.49 -30.65 8.23
C GLY B 7 -9.23 -30.06 7.04
N ALA B 8 -10.38 -29.41 7.31
CA ALA B 8 -11.22 -28.97 6.20
C ALA B 8 -11.40 -27.44 6.23
N VAL B 9 -10.32 -26.71 6.54
CA VAL B 9 -10.41 -25.26 6.70
C VAL B 9 -9.40 -24.49 5.83
N ALA B 10 -8.53 -23.66 6.40
CA ALA B 10 -7.87 -22.68 5.53
C ALA B 10 -6.91 -23.38 4.58
N GLY B 11 -6.12 -24.32 5.04
CA GLY B 11 -5.31 -25.03 4.06
C GLY B 11 -6.05 -26.18 3.41
N GLY B 12 -6.83 -26.97 4.16
CA GLY B 12 -7.31 -28.26 3.61
C GLY B 12 -8.48 -28.12 2.62
N ALA B 13 -9.49 -27.29 2.98
CA ALA B 13 -10.55 -27.12 2.02
C ALA B 13 -10.11 -26.39 0.76
N THR B 14 -9.27 -25.39 0.94
CA THR B 14 -8.64 -24.69 -0.20
C THR B 14 -7.84 -25.60 -1.10
N CYS B 15 -7.04 -26.45 -0.49
CA CYS B 15 -6.18 -27.34 -1.30
C CYS B 15 -7.07 -28.29 -2.10
N ALA B 16 -8.05 -28.91 -1.46
CA ALA B 16 -8.94 -29.88 -2.08
C ALA B 16 -9.66 -29.17 -3.27
N SER B 17 -10.17 -27.96 -3.01
CA SER B 17 -10.83 -27.20 -4.10
C SER B 17 -9.90 -26.90 -5.30
N GLN B 18 -8.62 -26.53 -5.01
CA GLN B 18 -7.66 -26.24 -6.04
C GLN B 18 -7.32 -27.48 -6.82
N ILE B 19 -7.30 -28.65 -6.15
CA ILE B 19 -7.06 -29.90 -6.88
C ILE B 19 -8.20 -30.16 -7.83
N ARG B 20 -9.44 -30.05 -7.34
CA ARG B 20 -10.62 -30.25 -8.18
C ARG B 20 -10.65 -29.33 -9.37
N ARG B 21 -10.13 -28.09 -9.24
CA ARG B 21 -10.06 -27.24 -10.41
C ARG B 21 -9.25 -27.87 -11.56
N LEU B 22 -8.11 -28.50 -11.23
CA LEU B 22 -7.21 -29.14 -12.17
C LEU B 22 -7.59 -30.58 -12.55
N ASP B 23 -8.29 -31.30 -11.71
CA ASP B 23 -8.47 -32.75 -11.90
C ASP B 23 -9.94 -33.10 -11.48
N LYS B 24 -10.80 -33.38 -12.48
CA LYS B 24 -12.17 -33.66 -12.19
C LYS B 24 -12.45 -35.13 -11.96
N GLU B 25 -11.44 -36.03 -12.03
CA GLU B 25 -11.70 -37.48 -11.92
C GLU B 25 -11.33 -38.04 -10.58
N SER B 26 -10.28 -37.51 -9.91
CA SER B 26 -9.82 -38.19 -8.70
C SER B 26 -10.87 -38.14 -7.59
N ASP B 27 -10.94 -39.20 -6.80
CA ASP B 27 -11.76 -39.15 -5.59
C ASP B 27 -11.03 -38.30 -4.55
N ILE B 28 -11.78 -37.39 -3.88
CA ILE B 28 -11.10 -36.56 -2.87
C ILE B 28 -11.98 -36.55 -1.62
N ILE B 29 -11.38 -36.90 -0.48
CA ILE B 29 -12.11 -37.03 0.76
CA ILE B 29 -12.11 -37.01 0.78
C ILE B 29 -11.37 -36.18 1.82
N ILE B 30 -12.11 -35.33 2.53
CA ILE B 30 -11.56 -34.58 3.63
C ILE B 30 -12.14 -35.04 5.00
N PHE B 31 -11.27 -35.33 5.99
CA PHE B 31 -11.76 -35.59 7.37
C PHE B 31 -11.56 -34.36 8.24
N GLU B 32 -12.62 -33.96 8.96
CA GLU B 32 -12.57 -32.78 9.84
C GLU B 32 -13.11 -33.21 11.20
N LYS B 33 -12.33 -33.10 12.28
CA LYS B 33 -12.75 -33.64 13.60
C LYS B 33 -13.89 -32.86 14.24
N ASP B 34 -14.05 -31.58 13.94
CA ASP B 34 -15.06 -30.69 14.53
C ASP B 34 -16.26 -30.57 13.59
N ARG B 35 -17.21 -29.72 13.99
CA ARG B 35 -18.53 -29.66 13.29
C ARG B 35 -18.52 -28.97 11.96
N ASP B 36 -17.67 -27.95 11.80
CA ASP B 36 -17.73 -27.09 10.59
C ASP B 36 -16.52 -27.19 9.62
N MET B 37 -16.77 -27.13 8.31
CA MET B 37 -15.65 -26.93 7.34
C MET B 37 -15.67 -25.47 6.90
N SER B 38 -14.53 -24.98 6.34
CA SER B 38 -14.44 -23.68 5.65
CA SER B 38 -14.51 -23.71 5.62
C SER B 38 -15.04 -22.49 6.41
N PHE B 39 -14.90 -22.51 7.75
CA PHE B 39 -15.24 -21.28 8.52
C PHE B 39 -14.15 -20.24 8.24
N ALA B 40 -14.52 -18.95 8.37
CA ALA B 40 -13.58 -17.90 8.13
C ALA B 40 -12.85 -17.66 9.47
N ASN B 41 -11.70 -18.29 9.69
CA ASN B 41 -11.03 -18.12 10.98
C ASN B 41 -10.74 -16.68 11.40
N SER B 42 -10.33 -15.84 10.45
CA SER B 42 -9.96 -14.49 10.83
CA SER B 42 -9.98 -14.47 10.77
C SER B 42 -11.18 -13.61 11.09
N ALA B 43 -12.36 -14.07 10.66
CA ALA B 43 -13.62 -13.32 10.89
C ALA B 43 -14.06 -13.49 12.34
N LEU B 44 -13.59 -14.55 12.99
CA LEU B 44 -14.21 -14.91 14.34
C LEU B 44 -14.28 -13.78 15.39
N PRO B 45 -13.18 -13.02 15.62
CA PRO B 45 -13.28 -11.97 16.68
C PRO B 45 -14.42 -11.01 16.26
N TYR B 46 -14.56 -10.78 14.94
CA TYR B 46 -15.59 -9.83 14.42
C TYR B 46 -16.98 -10.33 14.53
N VAL B 47 -17.16 -11.67 14.43
CA VAL B 47 -18.41 -12.29 14.76
C VAL B 47 -18.79 -11.99 16.24
N ILE B 48 -17.84 -12.23 17.15
CA ILE B 48 -18.03 -11.99 18.59
C ILE B 48 -18.41 -10.51 18.82
N GLY B 49 -17.80 -9.61 18.08
CA GLY B 49 -18.10 -8.18 18.20
C GLY B 49 -19.47 -7.77 17.55
N GLU B 50 -20.17 -8.67 16.83
CA GLU B 50 -21.47 -8.36 16.06
C GLU B 50 -21.14 -7.36 14.93
N VAL B 51 -19.86 -7.29 14.60
CA VAL B 51 -19.38 -6.57 13.38
C VAL B 51 -19.82 -7.41 12.14
N VAL B 52 -19.66 -8.74 12.23
CA VAL B 52 -20.04 -9.65 11.16
C VAL B 52 -21.25 -10.44 11.65
N GLU B 53 -22.47 -10.15 11.17
CA GLU B 53 -23.64 -10.88 11.73
C GLU B 53 -24.33 -11.87 10.82
N ASP B 54 -24.05 -11.77 9.53
CA ASP B 54 -24.54 -12.77 8.55
C ASP B 54 -23.76 -14.12 8.67
N ARG B 55 -24.49 -15.19 8.92
CA ARG B 55 -23.86 -16.53 9.08
C ARG B 55 -23.02 -16.92 7.86
N ARG B 56 -23.44 -16.47 6.68
CA ARG B 56 -22.91 -16.91 5.40
C ARG B 56 -21.48 -16.36 5.19
N TYR B 57 -21.11 -15.30 5.95
CA TYR B 57 -19.70 -14.85 6.05
C TYR B 57 -18.84 -15.63 7.03
N ALA B 58 -19.45 -16.22 8.06
CA ALA B 58 -18.68 -16.93 9.08
C ALA B 58 -18.31 -18.36 8.58
N LEU B 59 -19.15 -18.89 7.68
CA LEU B 59 -19.10 -20.32 7.25
C LEU B 59 -19.31 -20.35 5.73
N ALA B 60 -18.32 -20.72 4.92
CA ALA B 60 -18.50 -20.65 3.44
C ALA B 60 -19.27 -21.83 2.84
N TYR B 61 -19.19 -23.01 3.46
CA TYR B 61 -19.83 -24.19 2.91
C TYR B 61 -20.24 -25.08 4.03
N THR B 62 -21.22 -25.93 3.76
CA THR B 62 -21.39 -27.16 4.49
C THR B 62 -20.89 -28.34 3.66
N PRO B 63 -20.67 -29.51 4.28
CA PRO B 63 -20.26 -30.70 3.51
C PRO B 63 -21.26 -30.98 2.37
N GLU B 64 -22.55 -30.77 2.65
CA GLU B 64 -23.50 -31.14 1.56
C GLU B 64 -23.32 -30.16 0.38
N LYS B 65 -23.21 -28.86 0.65
CA LYS B 65 -22.90 -27.83 -0.39
C LYS B 65 -21.58 -28.06 -1.15
N PHE B 66 -20.53 -28.43 -0.38
CA PHE B 66 -19.29 -28.65 -1.01
C PHE B 66 -19.38 -29.83 -1.96
N TYR B 67 -20.10 -30.86 -1.55
CA TYR B 67 -20.20 -32.07 -2.37
C TYR B 67 -20.95 -31.66 -3.66
N ASP B 68 -22.05 -30.96 -3.44
CA ASP B 68 -22.91 -30.62 -4.60
C ASP B 68 -22.15 -29.78 -5.60
N ARG B 69 -21.30 -28.86 -5.12
CA ARG B 69 -20.57 -27.91 -5.98
C ARG B 69 -19.40 -28.61 -6.61
N LYS B 70 -18.66 -29.41 -5.80
CA LYS B 70 -17.26 -29.77 -6.21
C LYS B 70 -17.01 -31.30 -6.19
N GLN B 71 -18.00 -32.13 -5.80
CA GLN B 71 -17.89 -33.60 -5.76
CA GLN B 71 -17.88 -33.59 -5.80
C GLN B 71 -16.66 -33.93 -4.92
N ILE B 72 -16.57 -33.18 -3.82
CA ILE B 72 -15.55 -33.49 -2.79
C ILE B 72 -16.31 -33.95 -1.55
N THR B 73 -15.98 -35.16 -1.07
CA THR B 73 -16.61 -35.63 0.16
C THR B 73 -15.92 -35.09 1.43
N VAL B 74 -16.71 -34.46 2.29
CA VAL B 74 -16.16 -33.94 3.58
C VAL B 74 -16.93 -34.57 4.72
N LYS B 75 -16.20 -35.30 5.57
CA LYS B 75 -16.76 -35.95 6.74
C LYS B 75 -16.42 -35.17 7.97
N THR B 76 -17.33 -34.32 8.45
CA THR B 76 -17.14 -33.64 9.77
C THR B 76 -17.41 -34.61 10.95
N TYR B 77 -17.03 -34.17 12.15
CA TYR B 77 -16.95 -35.05 13.32
C TYR B 77 -16.20 -36.39 13.06
N HIS B 78 -15.19 -36.36 12.19
CA HIS B 78 -14.34 -37.52 11.92
C HIS B 78 -12.91 -37.12 12.22
N GLU B 79 -12.26 -37.78 13.22
CA GLU B 79 -10.95 -37.32 13.64
C GLU B 79 -9.94 -38.39 13.25
N VAL B 80 -8.95 -37.99 12.45
CA VAL B 80 -7.89 -38.95 12.15
C VAL B 80 -7.03 -39.16 13.39
N ILE B 81 -6.87 -40.46 13.79
CA ILE B 81 -6.19 -40.72 15.09
C ILE B 81 -4.83 -41.40 14.89
N ALA B 82 -4.54 -41.79 13.69
CA ALA B 82 -3.22 -42.38 13.34
C ALA B 82 -3.04 -42.34 11.84
N ILE B 83 -1.76 -42.28 11.43
CA ILE B 83 -1.38 -42.34 10.07
C ILE B 83 -0.59 -43.62 9.84
N ASN B 84 -1.19 -44.53 9.09
CA ASN B 84 -0.56 -45.88 8.82
C ASN B 84 0.20 -45.83 7.52
N ASP B 85 1.35 -45.13 7.49
CA ASP B 85 1.91 -44.71 6.23
C ASP B 85 2.46 -45.89 5.45
N GLU B 86 2.81 -46.97 6.15
CA GLU B 86 3.34 -48.10 5.42
C GLU B 86 2.26 -48.80 4.64
N ARG B 87 1.04 -48.78 5.14
CA ARG B 87 -0.06 -49.39 4.39
C ARG B 87 -0.80 -48.39 3.57
N GLN B 88 -0.34 -47.13 3.58
CA GLN B 88 -1.04 -46.04 2.89
C GLN B 88 -2.50 -46.00 3.31
N THR B 89 -2.73 -46.00 4.61
CA THR B 89 -4.09 -45.64 5.09
C THR B 89 -4.05 -44.68 6.26
N VAL B 90 -5.20 -44.02 6.55
CA VAL B 90 -5.30 -43.34 7.87
C VAL B 90 -6.36 -44.04 8.70
N SER B 91 -6.22 -43.98 10.01
CA SER B 91 -7.23 -44.58 10.90
C SER B 91 -8.07 -43.40 11.36
N VAL B 92 -9.40 -43.50 11.15
CA VAL B 92 -10.30 -42.40 11.44
C VAL B 92 -11.33 -42.79 12.49
N LEU B 93 -11.56 -41.93 13.47
CA LEU B 93 -12.62 -42.13 14.52
C LEU B 93 -13.87 -41.28 14.11
N ASN B 94 -14.94 -41.95 13.72
CA ASN B 94 -16.29 -41.33 13.57
C ASN B 94 -16.77 -40.95 14.96
N ARG B 95 -16.71 -39.66 15.30
CA ARG B 95 -17.03 -39.23 16.65
C ARG B 95 -18.55 -39.36 17.01
N LYS B 96 -19.40 -39.49 16.00
CA LYS B 96 -20.85 -39.59 16.22
C LYS B 96 -21.15 -41.02 16.80
N THR B 97 -20.46 -42.01 16.28
CA THR B 97 -20.82 -43.40 16.56
C THR B 97 -19.76 -43.99 17.45
N ASN B 98 -18.62 -43.29 17.51
CA ASN B 98 -17.46 -43.71 18.24
C ASN B 98 -16.87 -45.03 17.68
N GLU B 99 -16.99 -45.27 16.38
CA GLU B 99 -16.34 -46.40 15.69
CA GLU B 99 -16.40 -46.41 15.63
C GLU B 99 -15.23 -45.88 14.78
N GLN B 100 -14.12 -46.64 14.68
CA GLN B 100 -13.00 -46.24 13.83
C GLN B 100 -12.88 -47.16 12.65
N PHE B 101 -12.27 -46.62 11.58
CA PHE B 101 -12.10 -47.39 10.31
C PHE B 101 -10.85 -46.87 9.59
N GLU B 102 -10.24 -47.69 8.71
CA GLU B 102 -9.14 -47.22 7.84
C GLU B 102 -9.63 -46.65 6.57
N GLU B 103 -9.04 -45.54 6.15
CA GLU B 103 -9.31 -44.98 4.81
C GLU B 103 -8.01 -45.03 3.97
N SER B 104 -8.09 -45.62 2.78
CA SER B 104 -6.86 -45.76 1.96
C SER B 104 -6.63 -44.46 1.20
N TYR B 105 -5.37 -44.23 0.87
CA TYR B 105 -5.04 -43.06 -0.01
C TYR B 105 -3.96 -43.35 -1.03
N ASP B 106 -3.93 -42.55 -2.11
CA ASP B 106 -2.75 -42.47 -3.01
C ASP B 106 -1.91 -41.22 -2.70
N LYS B 107 -2.55 -40.15 -2.25
CA LYS B 107 -1.87 -38.95 -1.78
C LYS B 107 -2.57 -38.52 -0.50
N LEU B 108 -1.77 -38.11 0.51
CA LEU B 108 -2.36 -37.68 1.78
C LEU B 108 -1.90 -36.23 1.98
N ILE B 109 -2.82 -35.34 2.32
CA ILE B 109 -2.45 -33.92 2.54
C ILE B 109 -2.87 -33.53 3.96
N LEU B 110 -1.86 -33.20 4.79
CA LEU B 110 -2.06 -32.85 6.17
C LEU B 110 -2.16 -31.37 6.33
N SER B 111 -3.35 -30.92 6.72
CA SER B 111 -3.58 -29.50 7.06
C SER B 111 -4.36 -29.42 8.42
N PRO B 112 -3.79 -29.97 9.52
CA PRO B 112 -4.50 -30.05 10.81
C PRO B 112 -4.48 -28.78 11.63
N GLY B 113 -3.62 -27.85 11.24
CA GLY B 113 -3.55 -26.61 12.03
C GLY B 113 -3.07 -26.75 13.46
N ALA B 114 -3.47 -25.77 14.25
CA ALA B 114 -3.12 -25.68 15.70
C ALA B 114 -4.37 -25.59 16.55
N SER B 115 -4.27 -25.97 17.84
CA SER B 115 -5.39 -25.74 18.82
C SER B 115 -5.00 -24.66 19.86
N ALA B 116 -6.00 -23.95 20.42
CA ALA B 116 -5.71 -22.97 21.45
C ALA B 116 -5.17 -23.70 22.70
N ASN B 117 -4.15 -23.11 23.33
CA ASN B 117 -3.69 -23.48 24.71
C ASN B 117 -4.78 -23.15 25.75
N SER B 118 -4.80 -23.86 26.89
CA SER B 118 -5.72 -23.48 27.96
C SER B 118 -4.88 -23.29 29.21
N LEU B 119 -5.36 -22.42 30.10
CA LEU B 119 -4.66 -22.33 31.43
C LEU B 119 -4.99 -23.53 32.34
N GLY B 120 -5.98 -24.33 31.99
CA GLY B 120 -6.26 -25.55 32.79
C GLY B 120 -7.14 -25.38 34.05
N PHE B 121 -7.72 -24.23 34.22
CA PHE B 121 -8.61 -24.08 35.36
C PHE B 121 -9.91 -24.86 35.15
N GLU B 122 -10.58 -25.19 36.23
CA GLU B 122 -11.83 -26.00 36.15
C GLU B 122 -12.94 -24.95 36.01
N SER B 123 -13.09 -24.28 34.87
CA SER B 123 -13.92 -23.11 34.95
C SER B 123 -14.97 -23.05 33.86
N ASP B 124 -16.23 -23.05 34.30
CA ASP B 124 -17.38 -22.92 33.37
C ASP B 124 -17.49 -21.59 32.60
N ILE B 125 -16.76 -20.57 33.06
CA ILE B 125 -16.91 -19.23 32.48
C ILE B 125 -15.76 -18.88 31.51
N THR B 126 -14.84 -19.82 31.29
CA THR B 126 -13.64 -19.56 30.55
C THR B 126 -13.74 -20.22 29.20
N PHE B 127 -13.34 -19.50 28.13
CA PHE B 127 -13.44 -19.97 26.73
C PHE B 127 -12.15 -19.62 26.04
N THR B 128 -11.80 -20.48 25.02
CA THR B 128 -10.72 -20.16 24.05
C THR B 128 -11.44 -19.92 22.67
N LEU B 129 -10.69 -19.37 21.68
CA LEU B 129 -11.28 -19.03 20.38
C LEU B 129 -10.39 -19.65 19.28
N ARG B 130 -10.92 -20.69 18.61
CA ARG B 130 -10.22 -21.27 17.55
C ARG B 130 -11.10 -21.57 16.36
N ASN B 131 -12.39 -21.83 16.62
CA ASN B 131 -13.29 -22.27 15.52
C ASN B 131 -14.66 -21.68 15.72
N LEU B 132 -15.53 -22.01 14.80
CA LEU B 132 -16.89 -21.49 14.81
C LEU B 132 -17.78 -22.12 15.95
N GLU B 133 -17.51 -23.34 16.37
CA GLU B 133 -18.19 -23.94 17.55
C GLU B 133 -17.82 -23.06 18.78
N ASP B 134 -16.56 -22.66 18.88
CA ASP B 134 -16.09 -21.72 19.97
C ASP B 134 -16.81 -20.41 19.93
N THR B 135 -16.93 -19.87 18.72
CA THR B 135 -17.53 -18.56 18.53
C THR B 135 -19.02 -18.60 18.92
N ASP B 136 -19.67 -19.63 18.47
CA ASP B 136 -21.12 -19.84 18.86
C ASP B 136 -21.25 -20.01 20.38
N ALA B 137 -20.34 -20.78 21.01
CA ALA B 137 -20.43 -20.97 22.47
C ALA B 137 -20.22 -19.69 23.25
N ILE B 138 -19.29 -18.84 22.82
CA ILE B 138 -19.07 -17.54 23.46
C ILE B 138 -20.29 -16.61 23.27
N ASP B 139 -20.86 -16.53 22.07
CA ASP B 139 -21.98 -15.64 21.83
C ASP B 139 -23.17 -16.10 22.70
N GLN B 140 -23.38 -17.42 22.73
CA GLN B 140 -24.48 -17.98 23.53
C GLN B 140 -24.28 -17.72 25.02
N PHE B 141 -23.05 -17.89 25.50
CA PHE B 141 -22.80 -17.66 26.94
C PHE B 141 -22.99 -16.18 27.30
N ILE B 142 -22.59 -15.23 26.46
CA ILE B 142 -22.87 -13.81 26.71
C ILE B 142 -24.38 -13.52 26.85
N LYS B 143 -25.12 -14.12 25.96
CA LYS B 143 -26.59 -13.94 25.97
C LYS B 143 -27.24 -14.67 27.12
N ALA B 144 -26.78 -15.88 27.48
CA ALA B 144 -27.49 -16.65 28.49
C ALA B 144 -27.19 -15.99 29.86
N ASN B 145 -26.02 -15.39 30.02
CA ASN B 145 -25.61 -14.86 31.36
C ASN B 145 -25.57 -13.33 31.50
N GLN B 146 -26.08 -12.63 30.49
CA GLN B 146 -26.06 -11.17 30.43
C GLN B 146 -24.69 -10.65 30.84
N VAL B 147 -23.67 -11.21 30.19
CA VAL B 147 -22.28 -10.85 30.46
C VAL B 147 -22.00 -9.33 30.26
N ASP B 148 -21.37 -8.75 31.27
CA ASP B 148 -20.92 -7.37 31.13
C ASP B 148 -19.38 -7.32 31.22
N LYS B 149 -18.85 -7.95 32.22
CA LYS B 149 -17.43 -7.78 32.52
C LYS B 149 -16.64 -9.04 32.09
N VAL B 150 -15.69 -8.83 31.17
CA VAL B 150 -15.04 -10.00 30.62
C VAL B 150 -13.54 -9.81 30.86
N LEU B 151 -12.88 -10.88 31.29
CA LEU B 151 -11.40 -10.83 31.46
C LEU B 151 -10.78 -11.40 30.13
N VAL B 152 -9.93 -10.59 29.48
CA VAL B 152 -9.22 -11.10 28.30
C VAL B 152 -7.81 -11.37 28.70
N VAL B 153 -7.35 -12.65 28.56
CA VAL B 153 -6.00 -13.02 29.03
C VAL B 153 -5.15 -13.13 27.76
N GLY B 154 -3.96 -12.54 27.81
CA GLY B 154 -3.02 -12.61 26.70
C GLY B 154 -3.08 -11.39 25.78
N ALA B 155 -1.95 -11.15 25.13
CA ALA B 155 -1.89 -9.90 24.35
C ALA B 155 -1.37 -10.06 22.98
N GLY B 156 -1.53 -11.27 22.40
CA GLY B 156 -1.32 -11.55 21.03
C GLY B 156 -2.36 -10.88 20.14
N TYR B 157 -2.14 -10.89 18.84
CA TYR B 157 -3.08 -10.20 17.97
C TYR B 157 -4.50 -10.78 18.06
N VAL B 158 -4.68 -12.09 18.26
CA VAL B 158 -6.02 -12.58 18.46
C VAL B 158 -6.72 -12.08 19.79
N SER B 159 -6.02 -12.09 20.92
CA SER B 159 -6.60 -11.53 22.11
C SER B 159 -6.93 -10.08 21.93
N LEU B 160 -6.05 -9.35 21.26
CA LEU B 160 -6.33 -7.92 21.07
C LEU B 160 -7.54 -7.65 20.18
N GLU B 161 -7.70 -8.45 19.11
CA GLU B 161 -8.94 -8.34 18.32
C GLU B 161 -10.21 -8.68 19.12
N VAL B 162 -10.17 -9.75 19.89
CA VAL B 162 -11.29 -10.16 20.77
C VAL B 162 -11.59 -9.01 21.77
N LEU B 163 -10.58 -8.45 22.39
CA LEU B 163 -10.77 -7.26 23.32
C LEU B 163 -11.54 -6.11 22.62
N GLU B 164 -11.08 -5.74 21.41
CA GLU B 164 -11.68 -4.60 20.68
C GLU B 164 -13.15 -4.91 20.38
N ASN B 165 -13.37 -6.15 19.91
CA ASN B 165 -14.74 -6.60 19.60
C ASN B 165 -15.68 -6.67 20.78
N LEU B 166 -15.18 -7.13 21.91
CA LEU B 166 -16.05 -7.16 23.11
C LEU B 166 -16.41 -5.72 23.50
N TYR B 167 -15.42 -4.83 23.40
CA TYR B 167 -15.66 -3.38 23.67
C TYR B 167 -16.76 -2.81 22.70
N GLU B 168 -16.60 -3.03 21.38
CA GLU B 168 -17.55 -2.51 20.42
C GLU B 168 -18.94 -3.11 20.64
N ARG B 169 -18.98 -4.36 21.16
CA ARG B 169 -20.28 -4.98 21.51
C ARG B 169 -20.99 -4.29 22.64
N GLY B 170 -20.27 -3.50 23.43
CA GLY B 170 -20.87 -2.80 24.56
C GLY B 170 -20.50 -3.47 25.89
N LEU B 171 -19.54 -4.41 25.88
CA LEU B 171 -19.12 -5.12 27.11
C LEU B 171 -17.94 -4.34 27.69
N HIS B 172 -17.53 -4.76 28.88
CA HIS B 172 -16.48 -4.06 29.62
C HIS B 172 -15.30 -5.00 29.86
N PRO B 173 -14.36 -5.09 28.87
CA PRO B 173 -13.23 -6.02 29.03
C PRO B 173 -12.08 -5.40 29.82
N THR B 174 -11.30 -6.25 30.47
CA THR B 174 -10.02 -5.86 31.06
C THR B 174 -8.99 -6.82 30.46
N LEU B 175 -7.85 -6.27 30.06
CA LEU B 175 -6.79 -7.09 29.47
C LEU B 175 -5.74 -7.39 30.53
N ILE B 176 -5.29 -8.65 30.62
CA ILE B 176 -4.01 -8.97 31.38
C ILE B 176 -3.11 -9.75 30.52
N HIS B 177 -1.82 -9.67 30.82
CA HIS B 177 -0.82 -10.51 30.19
C HIS B 177 0.34 -10.75 31.18
N ARG B 178 0.92 -11.94 31.11
CA ARG B 178 1.91 -12.44 32.04
C ARG B 178 3.21 -11.61 32.05
N SER B 179 3.47 -10.82 31.01
CA SER B 179 4.70 -10.00 30.91
C SER B 179 4.35 -8.69 30.24
N ASP B 180 5.37 -7.85 29.96
CA ASP B 180 5.07 -6.63 29.17
C ASP B 180 5.28 -6.79 27.65
N LYS B 181 5.54 -8.04 27.20
CA LYS B 181 5.78 -8.32 25.78
C LYS B 181 4.50 -8.49 25.03
N ILE B 182 3.77 -7.40 24.80
CA ILE B 182 2.50 -7.52 24.09
C ILE B 182 2.77 -7.52 22.57
N ASN B 183 1.80 -8.00 21.81
CA ASN B 183 1.88 -7.94 20.36
C ASN B 183 3.29 -8.27 19.79
N LYS B 184 3.81 -9.49 20.05
CA LYS B 184 5.27 -9.70 19.99
C LYS B 184 5.78 -9.89 18.55
N LEU B 185 4.90 -9.87 17.55
CA LEU B 185 5.40 -9.86 16.13
C LEU B 185 5.92 -8.47 15.80
N MET B 186 5.49 -7.48 16.59
CA MET B 186 5.94 -6.08 16.39
C MET B 186 7.08 -5.77 17.35
N ASP B 187 8.02 -4.92 16.92
CA ASP B 187 9.10 -4.36 17.76
C ASP B 187 8.48 -3.85 19.04
N ALA B 188 9.06 -4.30 20.13
CA ALA B 188 8.50 -4.04 21.53
C ALA B 188 8.43 -2.55 21.86
N ASP B 189 9.32 -1.74 21.31
CA ASP B 189 9.14 -0.28 21.54
C ASP B 189 8.20 0.41 20.53
N MET B 190 7.50 -0.33 19.64
CA MET B 190 6.58 0.31 18.68
C MET B 190 5.12 -0.05 18.99
N ASN B 191 4.92 -0.74 20.13
CA ASN B 191 3.55 -1.09 20.57
C ASN B 191 2.87 -0.10 21.58
N GLN B 192 3.53 0.99 21.97
CA GLN B 192 2.85 1.99 22.88
C GLN B 192 1.39 2.39 22.48
N PRO B 193 1.07 2.51 21.17
CA PRO B 193 -0.31 2.89 20.83
C PRO B 193 -1.40 1.88 21.25
N ILE B 194 -1.07 0.61 21.43
CA ILE B 194 -1.99 -0.33 22.04
C ILE B 194 -2.36 0.18 23.44
N LEU B 195 -1.37 0.45 24.26
CA LEU B 195 -1.70 0.97 25.63
C LEU B 195 -2.40 2.33 25.64
N ASP B 196 -2.05 3.20 24.66
CA ASP B 196 -2.66 4.51 24.60
C ASP B 196 -4.14 4.34 24.22
N GLU B 197 -4.43 3.43 23.29
CA GLU B 197 -5.83 3.20 22.88
C GLU B 197 -6.69 2.61 23.99
N LEU B 198 -6.09 1.69 24.80
CA LEU B 198 -6.76 1.15 25.97
C LEU B 198 -7.10 2.31 27.00
N ASP B 199 -6.09 3.11 27.24
CA ASP B 199 -6.27 4.29 28.21
C ASP B 199 -7.29 5.29 27.75
N LYS B 200 -7.24 5.62 26.44
CA LYS B 200 -8.12 6.65 25.85
C LYS B 200 -9.56 6.24 26.07
N ARG B 201 -9.80 4.93 26.04
CA ARG B 201 -11.15 4.38 26.19
C ARG B 201 -11.51 3.92 27.59
N GLU B 202 -10.56 4.15 28.51
CA GLU B 202 -10.70 3.72 29.90
C GLU B 202 -10.98 2.22 30.02
N ILE B 203 -10.24 1.41 29.22
CA ILE B 203 -10.38 -0.03 29.26
C ILE B 203 -9.18 -0.45 30.16
N PRO B 204 -9.43 -1.08 31.31
CA PRO B 204 -8.33 -1.39 32.21
C PRO B 204 -7.38 -2.48 31.66
N TYR B 205 -6.12 -2.38 32.02
CA TYR B 205 -5.15 -3.48 31.70
C TYR B 205 -4.17 -3.63 32.80
N ARG B 206 -3.69 -4.84 32.96
CA ARG B 206 -2.56 -5.07 33.86
C ARG B 206 -1.54 -5.99 33.19
N LEU B 207 -0.27 -5.51 33.11
CA LEU B 207 0.83 -6.42 32.62
C LEU B 207 1.54 -7.05 33.81
N ASN B 208 2.36 -8.08 33.52
CA ASN B 208 3.03 -8.92 34.54
C ASN B 208 1.98 -9.44 35.47
N GLU B 209 0.83 -9.82 34.89
CA GLU B 209 -0.31 -10.26 35.71
C GLU B 209 -0.88 -11.58 35.18
N GLU B 210 -1.31 -12.47 36.08
CA GLU B 210 -1.86 -13.79 35.72
C GLU B 210 -3.02 -14.14 36.67
N ILE B 211 -3.87 -15.01 36.22
CA ILE B 211 -4.91 -15.63 37.05
C ILE B 211 -4.13 -16.60 37.96
N ASN B 212 -4.35 -16.44 39.28
CA ASN B 212 -3.77 -17.33 40.27
C ASN B 212 -4.84 -18.41 40.72
N ALA B 213 -6.08 -18.00 40.93
CA ALA B 213 -7.10 -19.01 41.38
C ALA B 213 -8.44 -18.58 40.88
N ILE B 214 -9.33 -19.54 40.65
CA ILE B 214 -10.73 -19.20 40.29
C ILE B 214 -11.72 -19.89 41.23
N ASN B 215 -12.67 -19.13 41.76
CA ASN B 215 -13.72 -19.72 42.61
C ASN B 215 -15.07 -19.21 42.07
N GLY B 216 -15.63 -19.92 41.10
CA GLY B 216 -16.90 -19.39 40.52
C GLY B 216 -16.58 -18.12 39.70
N ASN B 217 -17.21 -16.99 40.00
CA ASN B 217 -16.96 -15.72 39.29
C ASN B 217 -15.85 -14.90 39.94
N GLU B 218 -15.31 -15.41 41.07
CA GLU B 218 -14.33 -14.66 41.86
C GLU B 218 -12.90 -15.07 41.42
N ILE B 219 -12.18 -14.15 40.80
CA ILE B 219 -10.90 -14.51 40.23
C ILE B 219 -9.85 -13.83 41.11
N THR B 220 -8.91 -14.64 41.60
CA THR B 220 -7.80 -14.13 42.37
C THR B 220 -6.54 -14.17 41.47
N PHE B 221 -5.79 -13.10 41.48
CA PHE B 221 -4.64 -12.87 40.58
C PHE B 221 -3.29 -12.91 41.27
N LYS B 222 -2.26 -13.02 40.43
CA LYS B 222 -0.87 -13.08 40.85
C LYS B 222 -0.51 -11.79 41.64
N SER B 223 -0.99 -10.63 41.16
CA SER B 223 -0.81 -9.32 41.85
C SER B 223 -1.42 -9.33 43.25
N GLY B 224 -2.31 -10.25 43.57
CA GLY B 224 -3.04 -10.27 44.85
C GLY B 224 -4.43 -9.67 44.73
N LYS B 225 -4.68 -9.01 43.59
CA LYS B 225 -5.98 -8.41 43.36
C LYS B 225 -7.03 -9.50 43.30
N VAL B 226 -8.26 -9.16 43.76
CA VAL B 226 -9.38 -10.13 43.71
C VAL B 226 -10.51 -9.41 43.04
N GLU B 227 -11.07 -9.94 41.91
CA GLU B 227 -12.18 -9.26 41.19
C GLU B 227 -13.22 -10.24 40.72
N HIS B 228 -14.43 -9.74 40.42
CA HIS B 228 -15.52 -10.61 39.90
C HIS B 228 -15.62 -10.36 38.39
N TYR B 229 -15.67 -11.44 37.60
CA TYR B 229 -15.90 -11.34 36.12
C TYR B 229 -17.01 -12.27 35.73
N ASP B 230 -17.77 -11.90 34.70
CA ASP B 230 -18.84 -12.73 34.17
C ASP B 230 -18.36 -13.82 33.16
N MET B 231 -17.17 -13.57 32.56
CA MET B 231 -16.61 -14.47 31.50
CA MET B 231 -16.61 -14.45 31.50
C MET B 231 -15.10 -14.20 31.40
N ILE B 232 -14.40 -15.21 30.93
CA ILE B 232 -12.94 -15.10 30.66
C ILE B 232 -12.67 -15.65 29.28
N ILE B 233 -11.86 -14.92 28.47
CA ILE B 233 -11.47 -15.49 27.20
CA ILE B 233 -11.46 -15.42 27.16
C ILE B 233 -9.94 -15.55 27.23
N GLU B 234 -9.42 -16.77 27.14
CA GLU B 234 -7.98 -17.03 27.30
C GLU B 234 -7.34 -17.14 25.91
N GLY B 235 -6.37 -16.26 25.59
CA GLY B 235 -5.62 -16.31 24.35
C GLY B 235 -4.17 -16.46 24.73
N VAL B 236 -3.79 -17.64 25.19
CA VAL B 236 -2.48 -17.90 25.83
C VAL B 236 -1.61 -18.84 24.91
N GLY B 237 -1.74 -18.60 23.61
CA GLY B 237 -0.89 -19.27 22.63
C GLY B 237 -1.64 -20.50 22.05
N THR B 238 -0.98 -21.11 21.08
CA THR B 238 -1.50 -22.37 20.46
C THR B 238 -0.46 -23.44 20.44
N HIS B 239 -0.86 -24.69 20.14
CA HIS B 239 0.09 -25.79 19.98
C HIS B 239 -0.30 -26.58 18.72
N PRO B 240 0.68 -27.19 18.05
CA PRO B 240 0.32 -27.90 16.76
C PRO B 240 -0.54 -29.15 16.93
N ASN B 241 -1.49 -29.41 16.02
CA ASN B 241 -2.29 -30.59 16.17
C ASN B 241 -1.50 -31.77 15.50
N SER B 242 -0.47 -32.27 16.18
CA SER B 242 0.33 -33.34 15.58
C SER B 242 0.46 -34.60 16.45
N LYS B 243 -0.22 -34.68 17.56
CA LYS B 243 -0.01 -35.87 18.42
C LYS B 243 -0.47 -37.09 17.60
N PHE B 244 -1.49 -36.98 16.75
CA PHE B 244 -1.87 -38.09 15.95
C PHE B 244 -0.90 -38.62 14.89
N ILE B 245 0.13 -37.83 14.61
CA ILE B 245 1.11 -38.09 13.56
C ILE B 245 2.34 -38.81 14.19
N GLU B 246 2.50 -38.70 15.52
CA GLU B 246 3.77 -39.12 16.13
C GLU B 246 4.15 -40.60 15.95
N SER B 247 3.19 -41.52 15.94
CA SER B 247 3.49 -42.96 15.65
C SER B 247 3.88 -43.34 14.24
N SER B 248 3.65 -42.46 13.27
CA SER B 248 3.96 -42.72 11.88
C SER B 248 5.45 -42.42 11.63
N ASN B 249 5.85 -42.71 10.43
CA ASN B 249 7.23 -42.40 9.95
C ASN B 249 7.50 -40.90 9.58
N ILE B 250 6.47 -40.06 9.65
CA ILE B 250 6.63 -38.62 9.28
C ILE B 250 7.54 -37.97 10.34
N LYS B 251 8.57 -37.26 9.83
CA LYS B 251 9.48 -36.53 10.75
C LYS B 251 8.78 -35.25 11.33
N LEU B 252 8.78 -35.15 12.65
CA LEU B 252 8.35 -33.96 13.37
C LEU B 252 9.57 -33.33 13.99
N ASP B 253 9.56 -32.01 14.07
CA ASP B 253 10.64 -31.32 14.85
C ASP B 253 10.35 -31.42 16.38
N ARG B 254 11.24 -30.91 17.25
CA ARG B 254 10.97 -31.13 18.71
C ARG B 254 9.80 -30.33 19.22
N LYS B 255 9.32 -29.36 18.42
CA LYS B 255 8.13 -28.51 18.80
C LYS B 255 6.83 -29.09 18.25
N GLY B 256 6.96 -30.21 17.53
CA GLY B 256 5.76 -30.96 16.99
C GLY B 256 5.25 -30.43 15.67
N PHE B 257 6.09 -29.69 14.93
CA PHE B 257 5.71 -29.21 13.59
C PHE B 257 6.36 -30.12 12.55
N ILE B 258 5.90 -30.04 11.31
CA ILE B 258 6.38 -30.88 10.23
C ILE B 258 7.25 -30.09 9.30
N PRO B 259 8.55 -30.43 9.26
CA PRO B 259 9.33 -29.71 8.24
C PRO B 259 9.04 -30.27 6.83
N VAL B 260 9.01 -29.41 5.82
CA VAL B 260 8.67 -29.81 4.44
C VAL B 260 9.64 -29.18 3.46
N ASN B 261 9.75 -29.79 2.31
CA ASN B 261 10.53 -29.18 1.26
C ASN B 261 9.72 -28.13 0.50
N ASP B 262 10.27 -27.63 -0.61
CA ASP B 262 9.59 -26.49 -1.31
C ASP B 262 8.46 -26.96 -2.16
N LYS B 263 8.24 -28.27 -2.21
CA LYS B 263 7.03 -28.84 -2.83
C LYS B 263 5.96 -29.20 -1.73
N PHE B 264 6.22 -28.79 -0.48
CA PHE B 264 5.40 -29.13 0.70
C PHE B 264 5.28 -30.62 0.92
N GLU B 265 6.23 -31.35 0.39
CA GLU B 265 6.37 -32.77 0.75
C GLU B 265 7.02 -32.98 2.12
N THR B 266 6.50 -33.98 2.85
CA THR B 266 7.16 -34.49 4.07
C THR B 266 8.26 -35.45 3.66
N ASN B 267 8.92 -36.00 4.68
CA ASN B 267 9.97 -37.04 4.38
C ASN B 267 9.34 -38.40 3.84
N VAL B 268 8.01 -38.54 3.93
CA VAL B 268 7.33 -39.81 3.47
C VAL B 268 6.71 -39.60 2.12
N PRO B 269 7.05 -40.46 1.13
CA PRO B 269 6.48 -40.40 -0.19
C PRO B 269 4.96 -40.27 -0.14
N ASN B 270 4.48 -39.38 -0.96
CA ASN B 270 3.03 -39.18 -1.21
C ASN B 270 2.30 -38.51 -0.04
N ILE B 271 3.01 -38.05 0.98
CA ILE B 271 2.38 -37.27 2.04
C ILE B 271 2.88 -35.85 2.07
N TYR B 272 1.93 -34.90 1.97
CA TYR B 272 2.24 -33.44 1.99
C TYR B 272 1.75 -32.83 3.32
N ALA B 273 2.39 -31.71 3.69
CA ALA B 273 1.84 -30.98 4.88
C ALA B 273 1.84 -29.51 4.55
N ILE B 274 0.79 -28.81 4.91
CA ILE B 274 0.65 -27.38 4.60
C ILE B 274 -0.02 -26.65 5.78
N GLY B 275 -0.02 -25.33 5.73
CA GLY B 275 -0.67 -24.52 6.76
C GLY B 275 0.18 -24.42 8.03
N ASP B 276 -0.47 -24.20 9.18
CA ASP B 276 0.24 -23.88 10.43
C ASP B 276 1.13 -25.04 10.87
N ILE B 277 0.78 -26.26 10.42
CA ILE B 277 1.58 -27.44 10.85
C ILE B 277 2.93 -27.50 10.24
N ALA B 278 3.10 -26.79 9.10
CA ALA B 278 4.35 -26.98 8.27
C ALA B 278 5.44 -25.98 8.60
N THR B 279 6.70 -26.40 8.60
CA THR B 279 7.79 -25.42 8.69
C THR B 279 8.67 -25.50 7.42
N SER B 280 9.23 -24.32 7.09
CA SER B 280 9.93 -24.16 5.87
C SER B 280 11.13 -23.22 6.14
N HIS B 281 11.41 -22.26 5.23
CA HIS B 281 12.60 -21.38 5.39
C HIS B 281 12.16 -19.98 4.93
N TYR B 282 12.88 -19.00 5.38
CA TYR B 282 12.76 -17.67 4.81
C TYR B 282 13.17 -17.71 3.32
N ARG B 283 12.56 -16.78 2.63
CA ARG B 283 12.86 -16.49 1.25
C ARG B 283 14.18 -15.71 1.10
N HIS B 284 14.39 -14.75 1.99
CA HIS B 284 15.39 -13.73 1.76
C HIS B 284 16.65 -14.01 2.56
N VAL B 285 16.57 -14.96 3.49
CA VAL B 285 17.74 -15.42 4.32
C VAL B 285 17.72 -16.90 4.55
N ASP B 286 18.91 -17.49 4.77
CA ASP B 286 19.02 -18.90 4.92
C ASP B 286 18.76 -19.30 6.38
N LEU B 287 17.50 -19.17 6.86
CA LEU B 287 17.11 -19.59 8.16
C LEU B 287 15.73 -20.29 8.11
N PRO B 288 15.48 -21.19 9.06
CA PRO B 288 14.11 -21.78 9.12
C PRO B 288 13.10 -20.73 9.37
N ALA B 289 11.87 -21.03 8.96
CA ALA B 289 10.71 -20.13 9.26
C ALA B 289 9.46 -20.95 9.32
N SER B 290 8.58 -20.51 10.24
CA SER B 290 7.19 -20.99 10.39
CA SER B 290 7.19 -20.96 10.23
C SER B 290 6.33 -19.72 10.48
N VAL B 291 5.29 -19.59 9.65
CA VAL B 291 4.48 -18.38 9.62
C VAL B 291 3.01 -18.84 9.57
N PRO B 292 2.46 -19.03 10.73
CA PRO B 292 1.13 -19.68 10.83
C PRO B 292 0.06 -18.64 10.61
N LEU B 293 -0.09 -18.27 9.30
CA LEU B 293 -1.05 -17.23 8.91
C LEU B 293 -1.78 -17.67 7.66
N ALA B 294 -2.85 -16.97 7.30
CA ALA B 294 -3.67 -17.39 6.20
C ALA B 294 -2.96 -17.38 4.83
N TRP B 295 -2.12 -16.35 4.56
CA TRP B 295 -1.47 -16.33 3.20
C TRP B 295 -0.71 -17.61 2.90
N GLY B 296 0.04 -18.08 3.91
CA GLY B 296 0.88 -19.29 3.77
C GLY B 296 0.02 -20.56 3.54
N ALA B 297 -1.11 -20.62 4.25
CA ALA B 297 -1.97 -21.82 4.14
C ALA B 297 -2.53 -21.83 2.68
N HIS B 298 -2.98 -20.67 2.20
CA HIS B 298 -3.50 -20.56 0.85
C HIS B 298 -2.45 -20.73 -0.26
N ARG B 299 -1.24 -20.23 -0.04
CA ARG B 299 -0.27 -20.35 -1.10
C ARG B 299 0.19 -21.80 -1.13
N ALA B 300 0.46 -22.42 0.04
CA ALA B 300 0.81 -23.88 0.05
C ALA B 300 -0.29 -24.75 -0.59
N ALA B 301 -1.57 -24.40 -0.25
CA ALA B 301 -2.68 -25.19 -0.85
C ALA B 301 -2.54 -25.18 -2.38
N SER B 302 -2.31 -23.99 -2.98
CA SER B 302 -2.10 -23.92 -4.43
C SER B 302 -0.92 -24.70 -4.96
N ILE B 303 0.24 -24.57 -4.33
CA ILE B 303 1.46 -25.30 -4.74
C ILE B 303 1.27 -26.80 -4.63
N VAL B 304 0.72 -27.31 -3.54
CA VAL B 304 0.36 -28.72 -3.47
C VAL B 304 -0.61 -29.15 -4.60
N ALA B 305 -1.67 -28.35 -4.84
CA ALA B 305 -2.59 -28.71 -5.94
C ALA B 305 -1.80 -28.81 -7.31
N GLU B 306 -0.90 -27.86 -7.56
CA GLU B 306 -0.01 -27.98 -8.76
C GLU B 306 0.83 -29.25 -8.73
N GLN B 307 1.48 -29.52 -7.61
CA GLN B 307 2.27 -30.74 -7.50
C GLN B 307 1.50 -31.99 -7.87
N ILE B 308 0.29 -32.15 -7.36
CA ILE B 308 -0.43 -33.38 -7.58
C ILE B 308 -1.08 -33.45 -8.95
N ALA B 309 -1.69 -32.37 -9.41
CA ALA B 309 -2.54 -32.41 -10.59
C ALA B 309 -2.23 -31.39 -11.62
N GLY B 310 -1.20 -30.57 -11.42
CA GLY B 310 -0.91 -29.47 -12.37
C GLY B 310 0.55 -29.44 -12.71
N ASN B 311 1.11 -28.24 -12.69
CA ASN B 311 2.49 -28.01 -13.10
C ASN B 311 3.42 -28.27 -11.93
N ASP B 312 4.07 -29.43 -11.94
CA ASP B 312 4.83 -29.80 -10.82
C ASP B 312 6.23 -29.13 -10.77
N THR B 313 6.49 -28.16 -11.65
CA THR B 313 7.72 -27.36 -11.57
C THR B 313 7.48 -26.19 -10.62
N ILE B 314 6.21 -25.96 -10.22
CA ILE B 314 5.90 -24.79 -9.32
C ILE B 314 6.30 -25.17 -7.89
N GLU B 315 7.26 -24.42 -7.32
CA GLU B 315 7.79 -24.68 -5.99
C GLU B 315 7.74 -23.43 -5.13
N PHE B 316 7.61 -23.63 -3.82
CA PHE B 316 7.67 -22.51 -2.83
C PHE B 316 9.07 -21.81 -2.88
N LYS B 317 9.12 -20.49 -2.64
CA LYS B 317 10.43 -19.87 -2.59
C LYS B 317 10.80 -19.43 -1.14
N GLY B 318 9.95 -19.82 -0.16
CA GLY B 318 10.20 -19.45 1.24
C GLY B 318 9.29 -18.34 1.76
N PHE B 319 9.32 -18.10 3.07
CA PHE B 319 8.43 -17.13 3.65
C PHE B 319 9.09 -15.81 3.78
N LEU B 320 8.27 -14.75 3.83
CA LEU B 320 8.86 -13.48 4.34
C LEU B 320 8.31 -13.15 5.75
N GLY B 321 7.22 -13.78 6.14
CA GLY B 321 6.51 -13.43 7.42
C GLY B 321 5.89 -12.06 7.52
N ASN B 322 5.15 -11.69 6.48
CA ASN B 322 4.36 -10.43 6.44
C ASN B 322 3.16 -10.68 7.35
N ASN B 323 2.88 -9.73 8.24
CA ASN B 323 1.81 -9.91 9.14
C ASN B 323 1.30 -8.53 9.58
N ILE B 324 0.06 -8.52 10.06
CA ILE B 324 -0.62 -7.27 10.36
C ILE B 324 -1.80 -7.42 11.30
N VAL B 325 -2.09 -6.39 12.10
CA VAL B 325 -3.29 -6.35 12.98
C VAL B 325 -3.73 -4.94 13.12
N LYS B 326 -5.05 -4.80 13.11
CA LYS B 326 -5.75 -3.60 13.56
C LYS B 326 -6.02 -3.61 15.03
N PHE B 327 -5.75 -2.50 15.72
CA PHE B 327 -6.25 -2.35 17.08
C PHE B 327 -6.79 -0.91 17.27
N PHE B 328 -8.13 -0.79 17.35
CA PHE B 328 -8.80 0.48 17.39
C PHE B 328 -8.34 1.36 16.18
N ASP B 329 -7.77 2.55 16.42
CA ASP B 329 -7.44 3.45 15.30
C ASP B 329 -6.08 3.13 14.60
N TYR B 330 -5.34 2.16 15.10
CA TYR B 330 -3.98 1.93 14.65
C TYR B 330 -3.81 0.60 13.89
N THR B 331 -2.77 0.56 13.04
CA THR B 331 -2.41 -0.59 12.32
C THR B 331 -0.98 -0.89 12.67
N PHE B 332 -0.69 -2.19 12.88
CA PHE B 332 0.62 -2.66 13.29
C PHE B 332 1.05 -3.75 12.29
N ALA B 333 2.10 -3.50 11.49
CA ALA B 333 2.50 -4.51 10.47
C ALA B 333 3.99 -4.71 10.43
N SER B 334 4.45 -5.90 10.07
CA SER B 334 5.89 -6.14 9.98
C SER B 334 6.16 -7.28 9.00
N VAL B 335 7.40 -7.35 8.51
CA VAL B 335 7.73 -8.35 7.51
C VAL B 335 9.25 -8.62 7.68
N GLY B 336 9.66 -9.86 7.42
CA GLY B 336 11.06 -10.25 7.50
C GLY B 336 11.28 -11.02 8.80
N VAL B 337 12.54 -11.17 9.20
CA VAL B 337 12.90 -12.02 10.38
C VAL B 337 12.33 -11.37 11.65
N LYS B 338 12.11 -12.17 12.68
CA LYS B 338 11.51 -11.68 13.94
C LYS B 338 12.57 -10.91 14.70
N PRO B 339 12.15 -10.06 15.63
CA PRO B 339 13.09 -9.30 16.44
C PRO B 339 14.14 -10.22 17.04
N ASN B 340 13.72 -11.41 17.51
CA ASN B 340 14.75 -12.33 18.20
C ASN B 340 15.81 -12.92 17.29
N GLU B 341 15.60 -12.78 15.97
CA GLU B 341 16.42 -13.43 14.95
C GLU B 341 17.41 -12.45 14.34
N LEU B 342 17.19 -11.16 14.60
CA LEU B 342 18.12 -10.13 14.12
C LEU B 342 19.57 -10.39 14.60
N LYS B 343 19.74 -10.90 15.83
CA LYS B 343 21.15 -11.19 16.35
C LYS B 343 21.93 -12.24 15.53
N GLN B 344 21.28 -13.03 14.68
CA GLN B 344 22.01 -13.89 13.78
C GLN B 344 22.70 -13.20 12.65
N PHE B 345 22.49 -11.89 12.52
CA PHE B 345 23.18 -11.06 11.49
C PHE B 345 23.95 -9.85 12.10
N ASP B 346 24.94 -9.34 11.38
CA ASP B 346 25.47 -8.02 11.70
C ASP B 346 24.49 -7.10 10.96
N TYR B 347 23.80 -6.25 11.67
CA TYR B 347 22.78 -5.40 11.07
C TYR B 347 22.82 -3.98 11.59
N LYS B 348 22.12 -3.06 10.90
CA LYS B 348 21.85 -1.72 11.36
C LYS B 348 20.36 -1.47 11.16
N MET B 349 19.87 -0.46 11.86
CA MET B 349 18.48 -0.08 11.83
C MET B 349 18.41 1.38 11.38
N VAL B 350 17.35 1.72 10.60
CA VAL B 350 17.13 3.11 10.16
C VAL B 350 15.65 3.30 10.33
N GLU B 351 15.19 4.47 10.75
CA GLU B 351 13.76 4.69 10.84
C GLU B 351 13.35 6.13 10.53
N VAL B 352 12.07 6.32 10.26
CA VAL B 352 11.56 7.66 10.02
C VAL B 352 10.14 7.69 10.50
N THR B 353 9.73 8.87 11.02
CA THR B 353 8.41 9.11 11.35
C THR B 353 7.98 10.33 10.54
N GLN B 354 6.85 10.21 9.87
CA GLN B 354 6.41 11.32 9.05
C GLN B 354 4.90 11.18 8.81
N GLY B 355 4.20 12.25 8.42
CA GLY B 355 2.79 12.05 8.12
C GLY B 355 2.63 10.94 7.07
N ALA B 356 1.52 10.24 7.15
CA ALA B 356 1.14 9.22 6.15
C ALA B 356 0.99 9.89 4.76
N HIS B 357 0.69 11.19 4.75
CA HIS B 357 0.44 11.85 3.43
C HIS B 357 0.84 13.29 3.65
N ALA B 358 0.53 14.21 2.71
CA ALA B 358 1.33 15.45 2.68
C ALA B 358 1.06 16.24 3.97
N ASN B 359 2.15 16.85 4.47
CA ASN B 359 2.14 17.59 5.73
C ASN B 359 1.05 18.58 5.94
N TYR B 360 0.68 19.23 4.84
CA TYR B 360 -0.36 20.27 4.80
C TYR B 360 -1.76 19.75 4.69
N TYR B 361 -1.88 18.48 4.26
CA TYR B 361 -3.14 17.92 3.88
C TYR B 361 -3.77 17.30 5.09
N PRO B 362 -5.08 17.52 5.29
CA PRO B 362 -5.78 17.27 6.56
C PRO B 362 -5.82 15.82 6.95
N GLY B 363 -6.15 15.53 8.22
CA GLY B 363 -6.55 14.15 8.55
C GLY B 363 -5.31 13.30 8.69
N ASN B 364 -4.17 13.95 8.89
CA ASN B 364 -2.87 13.30 8.78
C ASN B 364 -2.65 12.60 10.10
N SER B 365 -1.66 11.71 10.17
CA SER B 365 -1.32 11.06 11.39
C SER B 365 0.07 10.56 11.18
N PRO B 366 0.85 10.56 12.25
CA PRO B 366 2.24 10.18 12.04
C PRO B 366 2.40 8.66 11.88
N LEU B 367 3.24 8.30 10.93
CA LEU B 367 3.47 6.89 10.53
C LEU B 367 4.94 6.62 10.83
N HIS B 368 5.20 5.63 11.67
CA HIS B 368 6.58 5.28 12.03
C HIS B 368 6.95 4.04 11.23
N LEU B 369 8.00 4.16 10.43
CA LEU B 369 8.50 3.08 9.58
C LEU B 369 9.94 2.83 9.97
N ARG B 370 10.27 1.56 10.25
CA ARG B 370 11.60 1.12 10.71
C ARG B 370 12.09 -0.03 9.78
N VAL B 371 13.39 0.00 9.35
CA VAL B 371 13.97 -0.97 8.45
C VAL B 371 15.30 -1.41 9.02
N TYR B 372 15.47 -2.72 9.12
CA TYR B 372 16.75 -3.30 9.49
C TYR B 372 17.40 -3.91 8.28
N TYR B 373 18.70 -3.67 8.12
CA TYR B 373 19.40 -4.24 6.99
C TYR B 373 20.72 -4.86 7.39
N ASP B 374 21.14 -5.80 6.56
CA ASP B 374 22.34 -6.63 6.79
C ASP B 374 23.55 -5.81 6.37
N THR B 375 24.54 -5.65 7.24
CA THR B 375 25.63 -4.70 6.87
C THR B 375 26.58 -5.42 5.89
N SER B 376 26.59 -6.74 5.85
CA SER B 376 27.47 -7.52 4.93
C SER B 376 27.09 -7.35 3.40
N ASN B 377 25.79 -7.13 3.11
CA ASN B 377 25.33 -7.02 1.72
C ASN B 377 24.24 -5.94 1.43
N ARG B 378 23.89 -5.16 2.45
CA ARG B 378 22.93 -4.07 2.40
C ARG B 378 21.52 -4.59 2.09
N GLN B 379 21.30 -5.91 2.24
CA GLN B 379 19.94 -6.45 2.03
CA GLN B 379 19.95 -6.47 2.04
C GLN B 379 19.04 -6.19 3.21
N ILE B 380 17.74 -5.99 2.92
CA ILE B 380 16.80 -5.65 3.97
C ILE B 380 16.45 -6.98 4.70
N LEU B 381 16.51 -6.94 6.03
CA LEU B 381 16.19 -8.10 6.89
C LEU B 381 14.75 -8.11 7.46
N ARG B 382 14.27 -6.95 7.81
CA ARG B 382 13.03 -6.75 8.57
C ARG B 382 12.57 -5.36 8.41
N ALA B 383 11.27 -5.14 8.34
CA ALA B 383 10.68 -3.79 8.37
C ALA B 383 9.46 -3.83 9.25
N ALA B 384 9.10 -2.70 9.87
CA ALA B 384 7.97 -2.68 10.76
C ALA B 384 7.38 -1.28 10.65
N ALA B 385 6.06 -1.17 10.68
CA ALA B 385 5.31 0.12 10.56
C ALA B 385 4.09 0.19 11.45
N VAL B 386 3.92 1.29 12.13
CA VAL B 386 2.77 1.45 13.05
C VAL B 386 2.25 2.86 12.77
N GLY B 387 0.95 2.99 12.54
CA GLY B 387 0.41 4.31 12.47
C GLY B 387 -1.09 4.18 12.20
N LYS B 388 -1.81 5.28 12.36
CA LYS B 388 -3.22 5.23 12.00
C LYS B 388 -3.52 5.00 10.49
N GLU B 389 -2.61 5.47 9.67
CA GLU B 389 -2.75 5.47 8.22
C GLU B 389 -1.44 5.04 7.55
N GLY B 390 -1.59 4.24 6.45
CA GLY B 390 -0.49 3.98 5.52
C GLY B 390 0.51 2.88 5.87
N ALA B 391 0.34 2.21 7.02
CA ALA B 391 1.33 1.20 7.43
C ALA B 391 1.21 -0.08 6.60
N ASP B 392 0.00 -0.52 6.34
CA ASP B 392 -0.21 -1.64 5.36
C ASP B 392 0.49 -1.38 3.98
N LYS B 393 0.30 -0.19 3.46
CA LYS B 393 0.85 0.13 2.17
C LYS B 393 2.37 0.02 2.25
N ARG B 394 3.00 0.61 3.27
CA ARG B 394 4.47 0.60 3.26
C ARG B 394 5.02 -0.81 3.47
N ILE B 395 4.36 -1.57 4.34
CA ILE B 395 4.84 -2.94 4.55
C ILE B 395 4.64 -3.89 3.36
N ASP B 396 3.50 -3.80 2.65
CA ASP B 396 3.40 -4.57 1.39
C ASP B 396 4.47 -4.18 0.32
N VAL B 397 4.75 -2.86 0.20
CA VAL B 397 5.78 -2.45 -0.77
C VAL B 397 7.13 -3.06 -0.32
N LEU B 398 7.40 -3.05 0.99
CA LEU B 398 8.68 -3.61 1.40
C LEU B 398 8.69 -5.16 1.32
N SER B 399 7.53 -5.81 1.54
CA SER B 399 7.44 -7.26 1.22
C SER B 399 7.89 -7.52 -0.24
N MET B 400 7.36 -6.70 -1.17
CA MET B 400 7.75 -6.84 -2.62
C MET B 400 9.25 -6.51 -2.87
N ALA B 401 9.80 -5.50 -2.17
CA ALA B 401 11.22 -5.27 -2.27
C ALA B 401 12.02 -6.43 -1.79
N MET B 402 11.65 -7.02 -0.64
CA MET B 402 12.45 -8.18 -0.12
C MET B 402 12.32 -9.38 -1.05
N MET B 403 11.15 -9.62 -1.66
CA MET B 403 11.03 -10.67 -2.67
C MET B 403 12.06 -10.49 -3.80
N ASN B 404 12.48 -9.27 -4.06
CA ASN B 404 13.30 -8.97 -5.22
C ASN B 404 14.73 -8.64 -4.82
N GLN B 405 15.11 -9.05 -3.61
CA GLN B 405 16.49 -8.86 -3.11
C GLN B 405 16.99 -7.42 -3.25
N LEU B 406 16.13 -6.49 -2.90
CA LEU B 406 16.53 -5.08 -2.99
C LEU B 406 17.43 -4.73 -1.80
N THR B 407 18.41 -3.88 -2.03
CA THR B 407 19.22 -3.34 -0.88
C THR B 407 18.50 -2.12 -0.32
N VAL B 408 18.85 -1.78 0.90
CA VAL B 408 18.23 -0.67 1.57
C VAL B 408 18.55 0.59 0.77
N ASP B 409 19.72 0.63 0.10
CA ASP B 409 20.13 1.84 -0.63
C ASP B 409 19.26 2.08 -1.85
N GLU B 410 18.81 0.98 -2.46
CA GLU B 410 17.90 1.11 -3.62
C GLU B 410 16.55 1.64 -3.28
N LEU B 411 16.19 1.73 -2.01
CA LEU B 411 14.85 2.26 -1.65
C LEU B 411 14.71 3.77 -2.03
N THR B 412 15.80 4.55 -2.18
CA THR B 412 15.71 5.89 -2.77
C THR B 412 15.20 5.89 -4.22
N GLU B 413 15.15 4.75 -4.88
CA GLU B 413 14.72 4.64 -6.29
C GLU B 413 13.30 4.23 -6.46
N PHE B 414 12.65 3.87 -5.33
CA PHE B 414 11.27 3.47 -5.33
C PHE B 414 10.42 4.65 -5.79
N GLU B 415 9.67 4.43 -6.86
CA GLU B 415 8.82 5.54 -7.41
C GLU B 415 7.39 5.40 -6.91
N VAL B 416 7.09 6.18 -5.86
CA VAL B 416 5.79 6.18 -5.21
C VAL B 416 4.74 6.91 -6.05
N ALA B 417 3.48 6.54 -5.82
CA ALA B 417 2.33 7.27 -6.33
C ALA B 417 2.06 8.44 -5.38
N TYR B 418 2.39 9.65 -5.87
CA TYR B 418 2.26 10.85 -5.04
C TYR B 418 1.16 11.80 -5.54
N ALA B 419 0.22 12.08 -4.62
CA ALA B 419 -0.62 13.28 -4.59
C ALA B 419 -0.93 13.48 -3.13
N PRO B 420 -1.42 14.67 -2.72
CA PRO B 420 -1.36 15.05 -1.29
C PRO B 420 -2.12 14.06 -0.37
N PRO B 421 -3.26 13.43 -0.81
CA PRO B 421 -3.92 12.46 0.09
C PRO B 421 -3.15 11.19 0.39
N TYR B 422 -2.05 10.92 -0.33
CA TYR B 422 -1.52 9.55 -0.34
C TYR B 422 -0.10 9.37 0.20
N SER B 423 0.77 10.37 0.02
CA SER B 423 2.20 10.15 0.36
C SER B 423 2.91 11.52 0.29
N HIS B 424 4.15 11.52 -0.05
CA HIS B 424 4.98 12.76 -0.21
C HIS B 424 5.84 12.47 -1.41
N PRO B 425 6.44 13.53 -2.02
CA PRO B 425 7.33 13.43 -3.14
C PRO B 425 8.54 12.55 -2.84
N LYS B 426 9.12 12.59 -1.62
CA LYS B 426 10.01 11.51 -1.19
CA LYS B 426 10.02 11.53 -1.15
C LYS B 426 9.24 10.74 -0.11
N ASP B 427 8.84 9.50 -0.45
CA ASP B 427 7.94 8.81 0.45
C ASP B 427 8.81 8.42 1.68
N LEU B 428 8.12 7.95 2.75
CA LEU B 428 8.84 7.31 3.87
C LEU B 428 9.82 6.23 3.44
N ILE B 429 9.43 5.39 2.47
CA ILE B 429 10.30 4.41 1.99
C ILE B 429 11.54 5.02 1.36
N ASN B 430 11.38 6.11 0.60
CA ASN B 430 12.56 6.72 0.00
C ASN B 430 13.42 7.31 1.11
N MET B 431 12.78 7.90 2.12
CA MET B 431 13.56 8.47 3.25
CA MET B 431 13.49 8.44 3.32
C MET B 431 14.41 7.46 3.98
N ILE B 432 13.95 6.21 4.13
CA ILE B 432 14.79 5.15 4.69
C ILE B 432 16.02 4.99 3.84
N GLY B 433 15.87 4.88 2.50
CA GLY B 433 17.05 4.74 1.62
C GLY B 433 18.06 5.91 1.80
N TYR B 434 17.56 7.14 1.76
CA TYR B 434 18.45 8.30 1.92
C TYR B 434 19.13 8.30 3.33
N LYS B 435 18.39 7.91 4.39
CA LYS B 435 18.96 7.96 5.75
C LYS B 435 19.93 6.80 5.99
N ALA B 436 19.93 5.73 5.17
CA ALA B 436 20.88 4.59 5.31
C ALA B 436 22.28 4.99 4.76
N LYS B 437 23.21 4.11 4.93
CA LYS B 437 24.65 4.44 5.07
C LYS B 437 24.99 3.89 6.46
PA FAD C . 8.14 24.08 -10.47
O1A FAD C . 6.94 24.57 -11.11
O2A FAD C . 7.95 23.45 -9.09
O5B FAD C . 9.30 25.23 -10.30
C5B FAD C . 9.78 25.90 -11.47
C4B FAD C . 10.04 27.34 -11.03
O4B FAD C . 10.92 27.95 -11.95
C3B FAD C . 8.77 28.24 -11.03
O3B FAD C . 8.60 28.84 -9.71
C2B FAD C . 9.06 29.24 -12.15
O2B FAD C . 8.50 30.52 -11.82
C1B FAD C . 10.60 29.30 -12.09
N9A FAD C . 11.17 29.74 -13.42
C8A FAD C . 10.88 29.33 -14.67
N7A FAD C . 11.65 30.02 -15.58
C5A FAD C . 12.48 30.83 -14.85
C6A FAD C . 13.44 31.72 -15.24
N6A FAD C . 13.71 32.05 -16.53
N1A FAD C . 14.05 32.43 -14.22
C2A FAD C . 13.71 32.24 -12.90
N3A FAD C . 12.76 31.33 -12.52
C4A FAD C . 12.14 30.68 -13.52
N1 FAD C . 2.79 16.50 -9.10
C2 FAD C . 2.56 15.26 -8.45
O2 FAD C . 3.46 14.40 -8.44
N3 FAD C . 1.40 15.06 -7.73
C4 FAD C . 0.40 15.99 -7.64
O4 FAD C . -0.60 15.77 -6.91
C4X FAD C . 0.62 17.20 -8.31
N5 FAD C . -0.30 18.22 -8.29
C5X FAD C . -0.09 19.42 -8.95
C6 FAD C . -1.05 20.46 -8.78
C7 FAD C . -0.83 21.67 -9.41
C7M FAD C . -1.92 22.69 -9.26
C8 FAD C . 0.37 21.90 -10.12
C8M FAD C . 0.64 23.26 -10.83
C9 FAD C . 1.37 20.88 -10.22
C9A FAD C . 1.12 19.65 -9.62
N10 FAD C . 2.04 18.61 -9.69
C10 FAD C . 1.81 17.42 -9.02
C1' FAD C . 3.27 18.76 -10.53
C2' FAD C . 4.49 19.07 -9.68
O2' FAD C . 4.20 20.20 -8.94
C3' FAD C . 5.63 19.31 -10.72
O3' FAD C . 6.03 18.12 -11.41
C4' FAD C . 6.85 19.96 -10.08
O4' FAD C . 6.49 21.27 -9.64
C5' FAD C . 8.09 20.01 -11.07
O5' FAD C . 9.12 20.79 -10.38
P FAD C . 9.92 21.87 -11.29
O1P FAD C . 11.03 22.32 -10.35
O2P FAD C . 10.29 21.33 -12.61
O3P FAD C . 8.80 23.03 -11.52
MG MG D . 31.21 13.46 -17.06
MG MG E . 24.72 33.77 -26.01
CL CL F . 28.56 32.69 -23.94
CL CL G . 3.60 19.82 -2.92
PA FAD H . -7.12 -24.36 10.34
O1A FAD H . -7.18 -24.05 11.82
O2A FAD H . -7.63 -23.41 9.32
O5B FAD H . -7.75 -25.80 9.98
C5B FAD H . -7.24 -27.00 10.59
C4B FAD H . -8.42 -27.95 10.82
O4B FAD H . -7.87 -29.29 11.01
C3B FAD H . -9.23 -27.62 12.10
O3B FAD H . -10.59 -27.43 11.64
C2B FAD H . -9.06 -28.89 12.93
O2B FAD H . -10.21 -29.25 13.69
C1B FAD H . -8.74 -29.98 11.88
N9A FAD H . -7.97 -31.13 12.44
C8A FAD H . -6.83 -31.07 13.25
N7A FAD H . -6.49 -32.36 13.51
C5A FAD H . -7.36 -33.21 12.91
C6A FAD H . -7.45 -34.62 12.95
N6A FAD H . -6.57 -35.39 13.66
N1A FAD H . -8.44 -35.15 12.18
C2A FAD H . -9.41 -34.39 11.51
N3A FAD H . -9.37 -32.96 11.49
C4A FAD H . -8.35 -32.44 12.27
N1 FAD H . -4.30 -15.37 9.96
C2 FAD H . -4.03 -14.26 9.25
O2 FAD H . -3.30 -14.35 8.28
N3 FAD H . -4.69 -13.08 9.52
C4 FAD H . -5.64 -12.95 10.49
O4 FAD H . -6.19 -11.84 10.69
C4X FAD H . -5.85 -14.11 11.25
N5 FAD H . -6.80 -14.05 12.26
C5X FAD H . -7.05 -15.23 13.00
C6 FAD H . -8.02 -15.09 14.02
C7 FAD H . -8.34 -16.19 14.77
C7M FAD H . -9.40 -16.08 15.86
C8 FAD H . -7.75 -17.40 14.44
C8M FAD H . -8.11 -18.65 15.20
C9 FAD H . -6.76 -17.55 13.42
C9A FAD H . -6.41 -16.43 12.69
N10 FAD H . -5.43 -16.48 11.68
C10 FAD H . -5.22 -15.30 10.93
C1' FAD H . -4.66 -17.75 11.39
C2' FAD H . -5.15 -18.46 10.22
O2' FAD H . -6.54 -18.63 10.37
C3' FAD H . -4.35 -19.77 10.21
O3' FAD H . -2.98 -19.52 9.80
C4' FAD H . -4.95 -20.73 9.19
O4' FAD H . -6.25 -21.07 9.71
C5' FAD H . -4.16 -22.01 9.08
O5' FAD H . -4.84 -22.96 8.26
P FAD H . -4.74 -24.53 8.68
O1P FAD H . -5.42 -25.30 7.59
O2P FAD H . -3.33 -24.89 9.01
O3P FAD H . -5.49 -24.52 10.12
CL CL I . 1.66 -48.50 8.68
CL CL J . -10.72 -15.73 7.08
#